data_6JDQ
#
_entry.id   6JDQ
#
_cell.length_a   72.080
_cell.length_b   122.452
_cell.length_c   238.074
_cell.angle_alpha   90.00
_cell.angle_beta   90.00
_cell.angle_gamma   90.00
#
_symmetry.space_group_name_H-M   'P 21 21 21'
#
loop_
_entity.id
_entity.type
_entity.pdbx_description
1 polymer 'CRISPR-associated endonuclease Cas9'
2 polymer sgRNA
3 water water
#
loop_
_entity_poly.entity_id
_entity_poly.type
_entity_poly.pdbx_seq_one_letter_code
_entity_poly.pdbx_strand_id
1 'polypeptide(L)'
;MAAFKPNSINYILGLDIGIASVGWAMVEIDEEENPIRLIDLGVRVFERAEVPKTGDSLAMARRLARSVRRLTRRRAHRLL
RTRRLLKREGVLQAANFDENGLIKSLPNTPWQLRAAALDRKLTPLEWSAVLLHLIKHRGYLSQRKNEGETADKELGALLK
GVAGNAHALQTGDFRTPAELALNKFEKESGHIRNQRSDYSHTFSRKDLQAELILLFEKQKEFGNPHVSGGLKEGIETLLM
TQRPALSGDAVQKMLGHCTFEPAEPKAAKNTYTAERFIWLTKLNNLRILEQGSERPLTDTERATLMDEPYRKSKLTYAQA
RKLLGLEDTAFFKGLRYGKDNAEASTLMEMKAYHAISRALEKEGLKDKKSPLNLSPELQDEIGTAFSLFKTDEDITGRLK
DRIQPEILEALLKHISFDKFVQISLKALRRIVPLMEQGKRYDEACAEIYGDHYGKKNTEEKIYLPPIPADEIRNPVVLRA
LSQARKVINGVVRRYGSPARIHIETAREVGKSFKDRKEIEKRQEENRKDREKAAAKFREYFPNFVGEPKSKDILKLRLYE
QQHGKCLYSGKEINLGRLNEKGYVEIDHALPFSRTWDDSFNNKVLVLGSENQNKGNQTPYEYFNGKDNSREWQEFKARVE
TSRFPRSKKQRILLQKFDEDGFKERNLNDTRYVNRFLCQFVADRMRLTGKGKKRVFASNGQITNLLRGFWGLRKVRAEND
RHHALDAVVVACSTVAMQQKITRFVRYKEMNAFDGKTIDKETGEVLHQKTHFPQPWEFFAQEVMIRVFGKPDGKPEFEEA
DTLEKLRTLLAEKLSSRPEAVHEYVTPLFVSRAPNRKMSGQGHMETVKSAKRLDEGVSVLRVPLTQLKLKDLEKMVNRER
EPKLYEALKARLEAHKDDPAKAFAEPFYKYDKAGNRTQQVKAVRVEQVQKTGVWVRNHNGIADNATMVRVDVFEKGDKYY
LVPIYSWQVAKGILPDRAVVQGKDEEDWQLIDDSFNFKFSLHPNDLVEVITKKARMFGYFASCHRGTGNINIRIHDLDHK
IGKNGILEGIGVKTALSFQKYQIDELGKEIRPCRLKKRPPVRSEHHHHHHHH
;
A
2 'polyribonucleotide'
;GGUCACUCUGCUAUUUAACUUUACGUUGUAGCUCCCUUUCUCGAAAGAGAACCGUUGCUACAAUAAGGCCGUCUGAAAAG
AUGUGCCGCAACGCUCUGCCCCUUAAAGCUCCUGCUUUAAGGGGCAUCGUUUAUC
;
B
#
loop_
_chem_comp.id
_chem_comp.type
_chem_comp.name
_chem_comp.formula
A RNA linking ADENOSINE-5'-MONOPHOSPHATE 'C10 H14 N5 O7 P'
C RNA linking CYTIDINE-5'-MONOPHOSPHATE 'C9 H14 N3 O8 P'
G RNA linking GUANOSINE-5'-MONOPHOSPHATE 'C10 H14 N5 O8 P'
U RNA linking URIDINE-5'-MONOPHOSPHATE 'C9 H13 N2 O9 P'
#
# COMPACT_ATOMS: atom_id res chain seq x y z
N SER A 8 21.66 -16.40 -30.09
CA SER A 8 21.50 -17.85 -30.26
C SER A 8 20.04 -18.22 -30.50
N ILE A 9 19.12 -17.54 -29.81
CA ILE A 9 17.69 -17.75 -29.98
C ILE A 9 17.00 -16.41 -30.18
N ASN A 10 16.04 -16.37 -31.09
CA ASN A 10 15.16 -15.22 -31.27
C ASN A 10 13.91 -15.47 -30.45
N TYR A 11 13.84 -14.87 -29.27
CA TYR A 11 12.75 -15.13 -28.34
C TYR A 11 12.22 -13.82 -27.77
N ILE A 12 10.95 -13.85 -27.36
CA ILE A 12 10.31 -12.75 -26.67
C ILE A 12 10.10 -13.16 -25.23
N LEU A 13 10.44 -12.26 -24.30
CA LEU A 13 10.35 -12.50 -22.87
C LEU A 13 9.06 -11.87 -22.35
N GLY A 14 8.10 -12.71 -21.95
CA GLY A 14 6.89 -12.23 -21.34
C GLY A 14 6.99 -12.26 -19.83
N LEU A 15 6.60 -11.15 -19.21
CA LEU A 15 6.61 -10.98 -17.76
C LEU A 15 5.18 -10.76 -17.28
N ASP A 16 4.87 -11.35 -16.13
CA ASP A 16 3.60 -11.14 -15.44
C ASP A 16 3.94 -10.65 -14.04
N ILE A 17 3.88 -9.34 -13.85
CA ILE A 17 4.38 -8.69 -12.64
C ILE A 17 3.23 -8.50 -11.68
N GLY A 18 3.38 -9.04 -10.47
CA GLY A 18 2.47 -8.81 -9.38
C GLY A 18 3.14 -8.05 -8.25
N ILE A 19 2.40 -7.87 -7.17
CA ILE A 19 2.96 -7.23 -5.98
C ILE A 19 3.77 -8.19 -5.14
N ALA A 20 3.67 -9.50 -5.41
CA ALA A 20 4.43 -10.49 -4.67
C ALA A 20 5.00 -11.58 -5.57
N SER A 21 5.05 -11.36 -6.88
CA SER A 21 5.48 -12.41 -7.80
C SER A 21 5.83 -11.81 -9.14
N VAL A 22 6.59 -12.58 -9.92
CA VAL A 22 6.96 -12.26 -11.29
C VAL A 22 6.95 -13.59 -12.05
N GLY A 23 5.98 -13.77 -12.92
CA GLY A 23 6.01 -14.88 -13.85
C GLY A 23 6.77 -14.49 -15.09
N TRP A 24 7.39 -15.46 -15.74
CA TRP A 24 8.13 -15.17 -16.96
C TRP A 24 8.11 -16.37 -17.88
N ALA A 25 8.12 -16.08 -19.17
CA ALA A 25 8.16 -17.13 -20.19
C ALA A 25 8.92 -16.61 -21.40
N MET A 26 9.68 -17.49 -22.04
CA MET A 26 10.36 -17.17 -23.28
C MET A 26 9.68 -17.91 -24.43
N VAL A 27 9.37 -17.19 -25.49
CA VAL A 27 8.71 -17.79 -26.65
C VAL A 27 9.54 -17.45 -27.88
N GLU A 28 10.09 -18.43 -28.55
CA GLU A 28 10.90 -18.25 -29.71
C GLU A 28 10.02 -17.87 -30.79
N ILE A 29 10.49 -16.97 -31.64
CA ILE A 29 9.73 -16.48 -32.74
C ILE A 29 10.47 -16.64 -34.01
N ASP A 30 9.75 -16.71 -35.13
CA ASP A 30 10.39 -16.81 -36.44
C ASP A 30 10.70 -15.49 -37.01
N GLU A 31 11.15 -15.42 -38.23
CA GLU A 31 11.51 -14.11 -38.76
C GLU A 31 10.39 -13.11 -38.88
N GLU A 32 9.17 -13.57 -39.11
CA GLU A 32 8.03 -12.72 -39.24
C GLU A 32 7.34 -12.41 -37.97
N GLU A 33 7.85 -12.93 -36.86
CA GLU A 33 7.34 -12.77 -35.51
C GLU A 33 6.12 -13.52 -35.09
N ASN A 34 6.00 -14.73 -35.57
CA ASN A 34 4.97 -15.61 -35.12
C ASN A 34 5.61 -16.46 -34.05
N PRO A 35 4.86 -16.91 -33.09
CA PRO A 35 5.44 -17.68 -32.02
C PRO A 35 5.55 -19.08 -32.41
N ILE A 36 6.61 -19.78 -32.09
CA ILE A 36 6.66 -21.14 -32.56
C ILE A 36 7.06 -22.15 -31.55
N ARG A 37 7.85 -21.77 -30.56
CA ARG A 37 8.29 -22.68 -29.55
C ARG A 37 8.29 -22.06 -28.18
N LEU A 38 7.96 -22.82 -27.18
CA LEU A 38 8.07 -22.32 -25.84
C LEU A 38 9.30 -22.90 -25.22
N ILE A 39 10.31 -22.08 -25.13
CA ILE A 39 11.57 -22.40 -24.59
C ILE A 39 11.78 -22.61 -23.12
N ASP A 40 11.29 -21.75 -22.28
CA ASP A 40 11.47 -21.86 -20.85
C ASP A 40 10.45 -20.97 -20.15
N LEU A 41 10.19 -21.26 -18.88
CA LEU A 41 9.32 -20.41 -18.09
C LEU A 41 9.64 -20.61 -16.61
N GLY A 42 9.12 -19.69 -15.80
CA GLY A 42 9.32 -19.78 -14.37
C GLY A 42 8.45 -18.79 -13.64
N VAL A 43 8.41 -18.96 -12.32
CA VAL A 43 7.74 -18.04 -11.41
C VAL A 43 8.72 -17.70 -10.29
N ARG A 44 8.72 -16.43 -9.89
CA ARG A 44 9.59 -15.94 -8.82
C ARG A 44 8.70 -15.22 -7.80
N VAL A 45 8.72 -15.66 -6.56
CA VAL A 45 7.82 -15.08 -5.55
C VAL A 45 8.65 -14.45 -4.44
N PHE A 46 8.09 -13.39 -3.85
CA PHE A 46 8.77 -12.63 -2.81
C PHE A 46 7.72 -12.09 -1.83
N GLU A 47 8.20 -11.37 -0.82
CA GLU A 47 7.33 -10.69 0.13
C GLU A 47 7.12 -9.25 -0.34
N ARG A 48 5.86 -8.81 -0.39
CA ARG A 48 5.61 -7.46 -0.87
C ARG A 48 6.08 -6.42 0.13
N ALA A 49 6.46 -5.25 -0.39
CA ALA A 49 7.12 -4.21 0.40
C ALA A 49 6.11 -3.41 1.22
N GLU A 50 5.41 -4.12 2.09
CA GLU A 50 4.47 -3.49 3.01
C GLU A 50 4.21 -4.47 4.15
N VAL A 51 3.73 -3.94 5.27
CA VAL A 51 3.31 -4.78 6.38
C VAL A 51 2.04 -5.52 5.93
N PRO A 52 2.06 -6.85 5.96
CA PRO A 52 1.01 -7.61 5.24
C PRO A 52 -0.39 -7.37 5.75
N LYS A 53 -0.60 -7.49 7.06
CA LYS A 53 -1.97 -7.45 7.59
C LYS A 53 -2.55 -6.04 7.53
N THR A 54 -1.73 -5.02 7.77
CA THR A 54 -2.21 -3.66 7.90
C THR A 54 -1.93 -2.77 6.70
N GLY A 55 -1.05 -3.18 5.79
CA GLY A 55 -0.68 -2.33 4.68
C GLY A 55 0.26 -1.21 5.04
N ASP A 56 0.80 -1.19 6.26
CA ASP A 56 1.74 -0.17 6.67
C ASP A 56 3.04 -0.28 5.88
N SER A 57 3.75 0.83 5.81
CA SER A 57 5.10 0.81 5.24
C SER A 57 6.01 -0.07 6.09
N LEU A 58 6.96 -0.73 5.43
CA LEU A 58 7.90 -1.56 6.17
C LEU A 58 8.86 -0.72 7.00
N ALA A 59 9.11 0.52 6.59
CA ALA A 59 10.01 1.42 7.31
C ALA A 59 9.34 2.11 8.50
N MET A 60 8.04 1.89 8.71
CA MET A 60 7.32 2.70 9.68
C MET A 60 7.68 2.33 11.11
N ALA A 61 7.72 1.03 11.42
CA ALA A 61 8.16 0.61 12.75
C ALA A 61 9.56 1.14 13.05
N ARG A 62 10.43 1.10 12.04
CA ARG A 62 11.77 1.68 12.16
C ARG A 62 11.71 3.15 12.54
N ARG A 63 11.04 3.95 11.75
CA ARG A 63 10.87 5.34 11.99
C ARG A 63 10.32 5.63 13.35
N LEU A 64 9.26 4.97 13.75
CA LEU A 64 8.63 5.14 15.06
C LEU A 64 9.62 4.86 16.19
N ALA A 65 10.23 3.68 16.17
CA ALA A 65 11.14 3.31 17.24
C ALA A 65 12.35 4.24 17.29
N ARG A 66 12.83 4.71 16.14
CA ARG A 66 13.97 5.62 16.13
C ARG A 66 13.61 6.95 16.77
N SER A 67 12.42 7.48 16.47
CA SER A 67 12.03 8.74 17.08
C SER A 67 11.78 8.58 18.57
N VAL A 68 11.28 7.42 19.00
CA VAL A 68 11.13 7.17 20.44
C VAL A 68 12.50 7.11 21.11
N ARG A 69 13.46 6.42 20.47
CA ARG A 69 14.83 6.39 20.95
C ARG A 69 15.36 7.80 21.14
N ARG A 70 15.21 8.65 20.12
CA ARG A 70 15.75 10.01 20.19
C ARG A 70 15.05 10.82 21.26
N LEU A 71 13.74 10.63 21.44
CA LEU A 71 13.03 11.39 22.48
C LEU A 71 13.54 11.03 23.87
N THR A 72 13.58 9.73 24.18
CA THR A 72 14.06 9.33 25.51
C THR A 72 15.52 9.68 25.70
N ARG A 73 16.32 9.63 24.64
CA ARG A 73 17.73 10.02 24.71
C ARG A 73 17.87 11.50 25.05
N ARG A 74 17.13 12.35 24.35
CA ARG A 74 17.21 13.78 24.59
C ARG A 74 16.72 14.12 25.99
N ARG A 75 15.68 13.44 26.47
CA ARG A 75 15.20 13.72 27.82
C ARG A 75 16.23 13.28 28.87
N ALA A 76 16.83 12.11 28.69
CA ALA A 76 17.86 11.67 29.63
C ALA A 76 19.04 12.64 29.64
N HIS A 77 19.46 13.08 28.44
CA HIS A 77 20.55 14.06 28.34
C HIS A 77 20.18 15.36 29.05
N ARG A 78 18.94 15.81 28.88
CA ARG A 78 18.52 17.08 29.46
C ARG A 78 18.44 17.00 30.98
N LEU A 79 17.92 15.89 31.51
CA LEU A 79 17.89 15.73 32.97
C LEU A 79 19.31 15.58 33.52
N LEU A 80 20.19 14.92 32.78
CA LEU A 80 21.58 14.82 33.20
C LEU A 80 22.22 16.20 33.28
N ARG A 81 22.01 17.03 32.25
CA ARG A 81 22.52 18.40 32.29
C ARG A 81 21.89 19.21 33.42
N THR A 82 20.62 18.94 33.75
CA THR A 82 20.01 19.60 34.89
C THR A 82 20.75 19.28 36.17
N ARG A 83 21.07 18.03 36.43
CA ARG A 83 21.84 17.67 37.62
C ARG A 83 23.22 18.25 37.58
N ARG A 84 23.84 18.16 36.44
CA ARG A 84 25.19 18.71 36.34
C ARG A 84 25.22 20.23 36.52
N LEU A 85 24.11 20.92 36.25
CA LEU A 85 24.04 22.35 36.50
C LEU A 85 23.68 22.65 37.96
N LEU A 86 22.82 21.82 38.55
CA LEU A 86 22.68 21.86 40.01
C LEU A 86 24.03 21.63 40.68
N LYS A 87 24.91 20.85 40.03
CA LYS A 87 26.24 20.62 40.59
C LYS A 87 27.15 21.83 40.40
N ARG A 88 27.06 22.50 39.25
CA ARG A 88 27.94 23.63 38.98
C ARG A 88 27.57 24.89 39.74
N GLU A 89 26.45 24.89 40.39
CA GLU A 89 26.03 26.07 41.06
C GLU A 89 25.12 25.91 42.18
N GLY A 90 25.67 25.91 43.36
CA GLY A 90 24.82 25.95 44.50
C GLY A 90 24.53 24.63 44.98
N VAL A 91 23.28 24.44 45.34
CA VAL A 91 22.76 23.24 45.86
C VAL A 91 23.14 22.19 44.93
N LEU A 92 24.05 21.39 45.39
CA LEU A 92 24.43 20.27 44.65
C LEU A 92 23.94 19.38 45.71
N GLN A 93 24.90 18.98 46.53
CA GLN A 93 24.88 18.14 47.71
C GLN A 93 26.28 17.77 47.65
N ALA A 94 26.55 16.92 46.67
CA ALA A 94 27.79 16.23 46.31
C ALA A 94 28.09 15.18 47.32
N ALA A 95 27.03 14.65 47.89
CA ALA A 95 27.03 13.73 48.93
C ALA A 95 25.60 13.34 49.03
N ASN A 96 24.73 13.95 48.23
CA ASN A 96 23.35 13.44 48.10
C ASN A 96 23.21 12.74 46.71
N PHE A 97 24.36 12.60 46.05
CA PHE A 97 24.65 11.93 44.82
C PHE A 97 24.95 10.46 45.17
N ASP A 98 25.32 9.68 44.16
CA ASP A 98 25.66 8.28 44.43
C ASP A 98 26.61 7.81 43.33
N GLU A 99 26.79 6.48 43.24
CA GLU A 99 27.69 5.92 42.23
C GLU A 99 27.31 6.39 40.83
N ASN A 100 26.02 6.31 40.48
CA ASN A 100 25.59 6.74 39.15
C ASN A 100 25.60 8.26 39.04
N GLY A 101 25.01 8.95 40.02
CA GLY A 101 24.90 10.40 39.96
C GLY A 101 23.50 10.91 40.21
N LEU A 102 22.63 10.06 40.73
CA LEU A 102 21.26 10.44 41.03
C LEU A 102 21.13 10.90 42.49
N ILE A 103 20.21 11.83 42.72
CA ILE A 103 20.07 12.44 44.03
C ILE A 103 19.54 11.40 45.02
N LYS A 104 20.18 11.33 46.19
CA LYS A 104 19.78 10.37 47.22
C LYS A 104 18.59 10.90 48.00
N SER A 105 17.65 10.01 48.31
CA SER A 105 16.46 10.32 49.10
C SER A 105 15.66 11.47 48.51
N LEU A 106 15.72 11.64 47.18
CA LEU A 106 14.92 12.66 46.52
C LEU A 106 13.44 12.39 46.79
N PRO A 107 12.62 13.40 46.82
CA PRO A 107 11.27 13.10 47.28
C PRO A 107 10.05 12.85 46.43
N ASN A 108 9.07 12.21 47.04
CA ASN A 108 7.83 11.94 46.34
C ASN A 108 6.67 12.78 46.54
N THR A 109 6.92 14.04 46.29
CA THR A 109 5.97 15.08 46.62
C THR A 109 5.90 16.31 45.80
N PRO A 110 6.79 16.43 44.81
CA PRO A 110 7.02 17.53 43.90
C PRO A 110 5.81 18.34 43.60
N TRP A 111 4.67 17.76 43.34
CA TRP A 111 3.49 18.57 43.12
C TRP A 111 3.12 19.36 44.37
N GLN A 112 3.08 18.69 45.52
CA GLN A 112 2.85 19.37 46.80
C GLN A 112 3.93 20.40 47.09
N LEU A 113 5.18 20.07 46.80
CA LEU A 113 6.28 21.00 47.06
C LEU A 113 6.19 22.22 46.15
N ARG A 114 5.76 22.03 44.90
CA ARG A 114 5.60 23.14 43.99
C ARG A 114 4.43 24.02 44.40
N ALA A 115 3.35 23.42 44.91
CA ALA A 115 2.24 24.21 45.42
C ALA A 115 2.58 24.90 46.74
N ALA A 116 3.56 24.39 47.47
CA ALA A 116 4.06 25.06 48.66
C ALA A 116 5.22 26.00 48.35
N ALA A 117 5.85 25.83 47.18
CA ALA A 117 6.97 26.68 46.80
C ALA A 117 6.58 28.16 46.75
N LEU A 118 5.29 28.47 46.61
CA LEU A 118 4.84 29.85 46.60
C LEU A 118 4.73 30.42 48.01
N ASP A 119 4.72 29.57 49.03
CA ASP A 119 4.51 30.00 50.42
C ASP A 119 5.69 29.65 51.33
N ARG A 120 6.83 29.26 50.78
CA ARG A 120 7.91 28.75 51.63
C ARG A 120 9.19 28.64 50.81
N LYS A 121 10.31 28.85 51.49
CA LYS A 121 11.62 28.50 50.94
C LYS A 121 11.81 27.00 51.11
N LEU A 122 11.89 26.27 50.01
CA LEU A 122 12.01 24.83 50.12
C LEU A 122 13.46 24.43 50.36
N THR A 123 13.63 23.24 50.91
CA THR A 123 14.96 22.68 51.11
C THR A 123 15.65 22.52 49.77
N PRO A 124 16.97 22.71 49.73
CA PRO A 124 17.79 22.27 48.59
C PRO A 124 17.35 20.91 48.03
N LEU A 125 17.02 19.96 48.92
CA LEU A 125 16.43 18.70 48.49
C LEU A 125 15.15 18.94 47.70
N GLU A 126 14.18 19.61 48.33
CA GLU A 126 12.89 19.87 47.71
C GLU A 126 13.03 20.78 46.48
N TRP A 127 13.95 21.76 46.58
CA TRP A 127 14.18 22.67 45.45
C TRP A 127 14.68 21.92 44.23
N SER A 128 15.70 21.06 44.41
CA SER A 128 16.19 20.25 43.30
C SER A 128 15.11 19.29 42.81
N ALA A 129 14.32 18.74 43.73
CA ALA A 129 13.23 17.85 43.35
C ALA A 129 12.29 18.54 42.36
N VAL A 130 11.81 19.72 42.71
CA VAL A 130 10.83 20.37 41.83
C VAL A 130 11.45 20.93 40.55
N LEU A 131 12.72 21.25 40.55
CA LEU A 131 13.40 21.67 39.33
C LEU A 131 13.57 20.57 38.34
N LEU A 132 14.03 19.43 38.84
CA LEU A 132 14.15 18.23 38.02
C LEU A 132 12.76 17.80 37.54
N HIS A 133 11.74 17.98 38.40
CA HIS A 133 10.39 17.61 38.01
C HIS A 133 9.86 18.49 36.89
N LEU A 134 10.10 19.80 37.00
CA LEU A 134 9.70 20.73 35.94
C LEU A 134 10.40 20.37 34.63
N ILE A 135 11.69 20.07 34.68
CA ILE A 135 12.42 19.82 33.43
C ILE A 135 12.03 18.47 32.84
N LYS A 136 11.76 17.48 33.68
CA LYS A 136 11.41 16.15 33.19
C LYS A 136 10.05 16.15 32.48
N HIS A 137 9.11 16.95 32.97
CA HIS A 137 7.77 17.05 32.39
C HIS A 137 7.53 18.52 32.04
N ARG A 138 7.94 18.92 30.83
CA ARG A 138 8.01 20.31 30.44
C ARG A 138 6.85 20.75 29.54
N GLY A 139 5.72 20.05 29.61
CA GLY A 139 4.51 20.48 28.92
C GLY A 139 4.60 20.57 27.39
N TYR A 140 3.51 21.00 26.76
CA TYR A 140 3.39 21.00 25.31
C TYR A 140 3.76 22.36 24.73
N LEU A 141 4.46 22.34 23.60
CA LEU A 141 4.89 23.54 22.91
C LEU A 141 4.13 23.71 21.60
N SER A 142 4.03 24.97 21.15
CA SER A 142 3.21 25.30 19.99
C SER A 142 3.69 24.60 18.72
N GLN A 143 5.00 24.59 18.49
CA GLN A 143 5.62 24.08 17.26
C GLN A 143 5.19 24.89 16.03
N ASN A 146 -0.06 29.50 11.54
CA ASN A 146 0.94 28.50 11.80
C ASN A 146 1.45 28.59 13.21
N GLU A 147 0.89 29.48 14.00
CA GLU A 147 1.31 29.70 15.37
C GLU A 147 0.49 28.78 16.21
N GLY A 148 -0.49 29.26 16.95
CA GLY A 148 -1.30 28.34 17.72
C GLY A 148 -2.36 27.89 16.76
N GLU A 149 -2.53 26.57 16.56
CA GLU A 149 -3.51 26.06 15.60
C GLU A 149 -4.19 24.67 15.72
N THR A 150 -4.87 24.25 14.63
CA THR A 150 -5.71 23.04 14.52
C THR A 150 -5.66 22.22 13.23
N ALA A 151 -5.95 20.91 13.31
CA ALA A 151 -6.03 19.99 12.17
C ALA A 151 -6.63 18.62 12.51
N ASP A 152 -5.79 17.75 13.08
CA ASP A 152 -6.12 16.37 13.45
C ASP A 152 -6.80 16.18 14.79
N LYS A 153 -7.88 15.41 14.81
CA LYS A 153 -8.71 15.02 15.93
C LYS A 153 -8.15 14.62 17.32
N GLU A 154 -7.03 13.96 17.45
CA GLU A 154 -6.50 13.69 18.78
C GLU A 154 -5.40 14.69 19.18
N LEU A 155 -4.63 15.20 18.22
CA LEU A 155 -3.89 16.43 18.49
C LEU A 155 -4.84 17.53 18.95
N GLY A 156 -5.99 17.63 18.29
CA GLY A 156 -7.01 18.59 18.68
C GLY A 156 -7.55 18.33 20.07
N ALA A 157 -7.66 17.05 20.47
CA ALA A 157 -8.13 16.74 21.82
C ALA A 157 -7.08 17.10 22.87
N LEU A 158 -5.80 16.83 22.57
CA LEU A 158 -4.75 17.22 23.51
C LEU A 158 -4.72 18.73 23.68
N LEU A 159 -4.89 19.48 22.59
CA LEU A 159 -4.91 20.93 22.75
C LEU A 159 -6.22 21.42 23.37
N LYS A 160 -7.31 20.68 23.19
CA LYS A 160 -8.52 20.95 23.95
C LYS A 160 -8.22 20.95 25.44
N GLY A 161 -7.54 19.89 25.91
CA GLY A 161 -7.14 19.84 27.31
C GLY A 161 -6.19 20.96 27.69
N VAL A 162 -5.20 21.24 26.83
CA VAL A 162 -4.19 22.25 27.15
C VAL A 162 -4.82 23.62 27.28
N ALA A 163 -5.63 24.01 26.29
CA ALA A 163 -6.29 25.31 26.31
C ALA A 163 -7.29 25.40 27.46
N GLY A 164 -8.01 24.30 27.73
CA GLY A 164 -8.90 24.30 28.87
C GLY A 164 -8.18 24.58 30.17
N ASN A 165 -7.02 23.94 30.38
CA ASN A 165 -6.31 24.14 31.64
C ASN A 165 -5.62 25.49 31.71
N ALA A 166 -5.18 26.04 30.57
CA ALA A 166 -4.62 27.39 30.58
C ALA A 166 -5.69 28.42 30.94
N HIS A 167 -6.85 28.34 30.28
CA HIS A 167 -7.97 29.19 30.65
C HIS A 167 -8.32 29.01 32.12
N ALA A 168 -8.29 27.76 32.60
CA ALA A 168 -8.61 27.50 33.99
C ALA A 168 -7.65 28.20 34.93
N LEU A 169 -6.35 28.19 34.61
CA LEU A 169 -5.41 28.90 35.47
C LEU A 169 -5.70 30.40 35.46
N GLN A 170 -5.92 30.97 34.27
CA GLN A 170 -6.11 32.42 34.23
C GLN A 170 -7.41 32.85 34.89
N THR A 171 -8.50 32.13 34.63
CA THR A 171 -9.81 32.58 35.11
C THR A 171 -10.01 32.31 36.60
N GLY A 172 -9.54 31.16 37.08
CA GLY A 172 -9.89 30.67 38.39
C GLY A 172 -8.87 30.99 39.47
N ASP A 173 -9.06 30.37 40.62
CA ASP A 173 -8.28 30.60 41.83
C ASP A 173 -7.02 29.75 41.88
N PHE A 174 -6.16 29.87 40.85
CA PHE A 174 -4.96 29.05 40.79
C PHE A 174 -3.78 29.91 40.36
N ARG A 175 -2.68 29.81 41.12
CA ARG A 175 -1.51 30.62 40.84
C ARG A 175 -0.65 30.00 39.75
N THR A 176 -0.43 28.68 39.81
CA THR A 176 0.47 27.98 38.91
C THR A 176 -0.09 26.59 38.66
N PRO A 177 0.35 25.92 37.58
CA PRO A 177 -0.21 24.59 37.26
C PRO A 177 -0.22 23.60 38.41
N ALA A 178 0.80 23.66 39.29
CA ALA A 178 0.89 22.68 40.37
C ALA A 178 -0.35 22.72 41.25
N GLU A 179 -0.74 23.90 41.72
CA GLU A 179 -1.88 24.05 42.63
C GLU A 179 -3.18 23.66 41.96
N LEU A 180 -3.36 24.05 40.69
CA LEU A 180 -4.50 23.55 39.93
C LEU A 180 -4.56 22.03 40.00
N ALA A 181 -3.45 21.38 39.61
CA ALA A 181 -3.33 19.93 39.66
C ALA A 181 -3.80 19.40 41.01
N LEU A 182 -3.10 19.77 42.08
CA LEU A 182 -3.42 19.23 43.40
C LEU A 182 -4.87 19.43 43.79
N ASN A 183 -5.24 20.70 43.95
CA ASN A 183 -6.56 21.03 44.46
C ASN A 183 -7.65 20.41 43.61
N LYS A 184 -7.79 20.87 42.36
CA LYS A 184 -8.96 20.42 41.62
C LYS A 184 -8.84 18.96 41.19
N PHE A 185 -7.69 18.58 40.63
CA PHE A 185 -7.55 17.21 40.11
C PHE A 185 -7.80 16.18 41.20
N GLU A 186 -7.25 16.37 42.41
CA GLU A 186 -7.51 15.37 43.43
C GLU A 186 -8.88 15.54 44.08
N LYS A 187 -9.42 16.76 44.14
CA LYS A 187 -10.75 16.92 44.71
C LYS A 187 -11.83 16.29 43.83
N GLU A 188 -11.63 16.23 42.51
CA GLU A 188 -12.65 15.73 41.61
C GLU A 188 -12.25 14.50 40.81
N SER A 189 -10.98 14.10 40.83
CA SER A 189 -10.60 12.91 40.07
C SER A 189 -9.84 11.88 40.90
N GLY A 190 -8.98 12.32 41.81
CA GLY A 190 -8.16 11.41 42.58
C GLY A 190 -6.81 11.11 41.98
N HIS A 191 -6.38 11.87 40.97
CA HIS A 191 -5.08 11.69 40.35
C HIS A 191 -4.69 12.99 39.67
N ILE A 192 -3.39 13.11 39.36
CA ILE A 192 -2.83 14.31 38.73
C ILE A 192 -2.49 14.06 37.28
N ARG A 193 -1.58 13.12 37.01
CA ARG A 193 -1.08 12.94 35.66
C ARG A 193 -2.11 12.23 34.79
N ASN A 194 -1.98 12.38 33.50
CA ASN A 194 -2.90 11.87 32.55
C ASN A 194 -2.99 10.37 32.55
N GLN A 195 -4.12 9.85 32.10
CA GLN A 195 -4.42 8.45 32.11
C GLN A 195 -4.73 7.99 30.75
N ARG A 196 -4.69 6.69 30.59
CA ARG A 196 -4.72 5.96 29.34
C ARG A 196 -4.52 6.72 28.10
N SER A 197 -5.57 7.20 27.49
CA SER A 197 -5.38 7.97 26.29
C SER A 197 -5.83 9.38 26.47
N ASP A 198 -6.18 9.74 27.68
CA ASP A 198 -6.70 11.05 27.93
C ASP A 198 -5.70 12.14 27.98
N TYR A 199 -6.12 13.35 27.64
CA TYR A 199 -5.17 14.46 27.70
C TYR A 199 -5.81 15.66 28.40
N SER A 200 -6.64 15.39 29.42
CA SER A 200 -7.36 16.44 30.11
C SER A 200 -6.46 17.23 31.05
N HIS A 201 -5.43 16.58 31.60
CA HIS A 201 -4.55 17.20 32.59
C HIS A 201 -3.22 17.64 31.98
N THR A 202 -3.16 17.82 30.67
CA THR A 202 -1.92 18.21 30.01
C THR A 202 -1.73 19.72 30.12
N PHE A 203 -0.47 20.13 30.28
CA PHE A 203 -0.11 21.53 30.43
C PHE A 203 0.72 21.99 29.24
N SER A 204 0.56 23.26 28.88
CA SER A 204 1.41 23.86 27.86
C SER A 204 2.72 24.32 28.48
N ARG A 205 3.75 24.42 27.64
CA ARG A 205 5.07 24.80 28.15
C ARG A 205 5.11 26.26 28.57
N LYS A 206 4.28 27.12 27.97
CA LYS A 206 4.26 28.52 28.37
C LYS A 206 3.83 28.68 29.82
N ASP A 207 2.79 27.94 30.23
CA ASP A 207 2.31 28.02 31.60
C ASP A 207 3.37 27.50 32.58
N LEU A 208 4.07 26.44 32.21
CA LEU A 208 5.11 25.90 33.09
C LEU A 208 6.34 26.79 33.14
N GLN A 209 6.65 27.49 32.05
CA GLN A 209 7.75 28.46 32.07
C GLN A 209 7.41 29.65 32.96
N ALA A 210 6.16 30.13 32.88
CA ALA A 210 5.71 31.14 33.82
C ALA A 210 5.77 30.64 35.25
N GLU A 211 5.43 29.36 35.46
CA GLU A 211 5.54 28.78 36.79
C GLU A 211 6.97 28.76 37.29
N LEU A 212 7.91 28.39 36.42
CA LEU A 212 9.33 28.40 36.80
C LEU A 212 9.78 29.79 37.19
N ILE A 213 9.39 30.80 36.40
CA ILE A 213 9.83 32.17 36.68
C ILE A 213 9.21 32.68 37.98
N LEU A 214 7.94 32.34 38.24
CA LEU A 214 7.32 32.75 39.49
C LEU A 214 7.91 32.03 40.69
N LEU A 215 8.23 30.74 40.54
CA LEU A 215 8.91 30.03 41.61
C LEU A 215 10.25 30.66 41.92
N PHE A 216 10.97 31.13 40.89
CA PHE A 216 12.25 31.78 41.15
C PHE A 216 12.06 33.13 41.84
N GLU A 217 11.07 33.91 41.42
CA GLU A 217 10.76 35.15 42.12
C GLU A 217 10.47 34.88 43.60
N LYS A 218 9.56 33.95 43.88
CA LYS A 218 9.20 33.67 45.26
C LYS A 218 10.39 33.14 46.05
N GLN A 219 11.25 32.33 45.43
CA GLN A 219 12.37 31.75 46.16
C GLN A 219 13.51 32.73 46.36
N LYS A 220 13.60 33.79 45.56
CA LYS A 220 14.40 34.93 45.97
C LYS A 220 13.73 35.68 47.10
N GLU A 221 12.40 35.65 47.16
CA GLU A 221 11.69 36.30 48.25
C GLU A 221 11.96 35.63 49.59
N PHE A 222 12.11 34.32 49.67
CA PHE A 222 12.29 33.74 50.99
C PHE A 222 13.63 33.21 51.39
N GLY A 223 14.62 33.43 50.57
CA GLY A 223 15.93 32.94 50.87
C GLY A 223 16.39 31.60 50.37
N ASN A 224 16.50 31.47 49.07
CA ASN A 224 17.08 30.27 48.57
C ASN A 224 18.29 30.85 48.01
N PRO A 225 19.41 30.49 48.55
CA PRO A 225 20.70 31.00 48.17
C PRO A 225 20.96 30.93 46.72
N HIS A 226 20.70 29.78 46.13
CA HIS A 226 20.91 29.51 44.76
C HIS A 226 19.73 29.91 43.94
N VAL A 227 19.70 31.15 43.53
CA VAL A 227 18.74 31.74 42.64
C VAL A 227 19.56 32.53 41.65
N SER A 228 20.67 31.99 41.27
CA SER A 228 21.60 32.62 40.41
C SER A 228 21.18 32.97 39.02
N GLY A 229 21.96 33.78 38.38
CA GLY A 229 21.69 34.15 37.03
C GLY A 229 21.91 32.89 36.27
N GLY A 230 23.10 32.33 36.41
CA GLY A 230 23.43 31.09 35.77
C GLY A 230 22.49 29.97 36.10
N LEU A 231 22.02 29.84 37.33
CA LEU A 231 21.08 28.74 37.57
C LEU A 231 19.75 29.01 36.88
N LYS A 232 19.21 30.22 37.06
CA LYS A 232 17.97 30.62 36.40
C LYS A 232 18.04 30.41 34.90
N GLU A 233 19.03 31.03 34.27
CA GLU A 233 19.09 31.05 32.82
C GLU A 233 19.34 29.65 32.26
N GLY A 234 20.18 28.85 32.93
CA GLY A 234 20.42 27.49 32.46
C GLY A 234 19.22 26.59 32.63
N ILE A 235 18.53 26.69 33.77
CA ILE A 235 17.33 25.86 33.98
C ILE A 235 16.26 26.22 32.98
N GLU A 236 16.06 27.51 32.72
CA GLU A 236 15.04 27.91 31.74
C GLU A 236 15.44 27.52 30.32
N THR A 237 16.73 27.62 29.99
CA THR A 237 17.19 27.15 28.69
C THR A 237 16.96 25.65 28.55
N LEU A 238 17.17 24.90 29.63
CA LEU A 238 16.89 23.47 29.60
C LEU A 238 15.40 23.22 29.38
N LEU A 239 14.55 23.99 30.06
CA LEU A 239 13.10 23.78 29.97
C LEU A 239 12.56 24.14 28.59
N MET A 240 13.12 25.15 27.92
CA MET A 240 12.53 25.67 26.71
C MET A 240 13.19 25.19 25.43
N THR A 241 14.49 24.91 25.44
CA THR A 241 15.20 24.63 24.20
C THR A 241 14.81 23.29 23.61
N GLN A 242 14.57 23.28 22.30
CA GLN A 242 14.47 22.07 21.51
C GLN A 242 14.92 22.40 20.10
N ARG A 243 15.48 21.39 19.42
CA ARG A 243 16.10 21.62 18.12
C ARG A 243 15.08 22.17 17.12
N PRO A 244 15.56 22.87 16.10
CA PRO A 244 14.64 23.44 15.12
C PRO A 244 13.93 22.37 14.32
N ALA A 245 12.68 22.66 13.97
CA ALA A 245 12.03 21.91 12.92
C ALA A 245 12.66 22.29 11.58
N LEU A 246 12.34 21.51 10.54
CA LEU A 246 12.94 21.74 9.24
C LEU A 246 12.43 23.06 8.67
N SER A 247 13.33 24.04 8.56
CA SER A 247 13.00 25.37 8.07
C SER A 247 13.09 25.39 6.55
N GLY A 248 13.08 26.58 5.96
CA GLY A 248 12.98 26.73 4.53
C GLY A 248 14.04 25.99 3.72
N ASP A 249 15.28 26.46 3.77
CA ASP A 249 16.31 25.92 2.88
C ASP A 249 16.53 24.43 3.12
N ALA A 250 16.37 23.97 4.37
CA ALA A 250 16.41 22.54 4.64
C ALA A 250 15.27 21.82 3.92
N VAL A 251 14.06 22.38 4.02
CA VAL A 251 12.93 21.79 3.30
C VAL A 251 13.13 21.86 1.79
N GLN A 252 13.62 23.00 1.29
CA GLN A 252 13.85 23.13 -0.14
C GLN A 252 14.89 22.14 -0.63
N LYS A 253 15.85 21.77 0.23
CA LYS A 253 16.88 20.81 -0.17
C LYS A 253 16.38 19.38 -0.07
N MET A 254 15.57 19.07 0.96
CA MET A 254 14.99 17.73 1.07
C MET A 254 14.03 17.44 -0.08
N LEU A 255 13.47 18.47 -0.71
CA LEU A 255 12.71 18.30 -1.93
C LEU A 255 13.71 18.25 -3.10
N GLY A 256 13.20 18.33 -4.32
CA GLY A 256 14.07 18.44 -5.47
C GLY A 256 14.54 19.87 -5.67
N HIS A 257 15.24 20.06 -6.79
CA HIS A 257 15.53 21.38 -7.33
C HIS A 257 14.85 21.45 -8.69
N CYS A 258 14.07 22.50 -8.91
CA CYS A 258 13.27 22.61 -10.13
C CYS A 258 14.12 22.32 -11.36
N THR A 259 13.71 21.33 -12.14
CA THR A 259 14.50 20.89 -13.28
C THR A 259 14.64 22.00 -14.31
N PHE A 260 13.57 22.78 -14.52
CA PHE A 260 13.61 23.84 -15.51
C PHE A 260 14.43 25.05 -15.06
N GLU A 261 14.59 25.25 -13.74
CA GLU A 261 15.41 26.33 -13.21
C GLU A 261 16.12 25.82 -11.97
N PRO A 262 17.34 25.27 -12.14
CA PRO A 262 18.03 24.66 -10.99
C PRO A 262 18.41 25.65 -9.90
N ALA A 263 18.59 26.93 -10.24
CA ALA A 263 18.92 27.93 -9.22
C ALA A 263 17.77 28.11 -8.24
N GLU A 264 16.55 27.84 -8.66
CA GLU A 264 15.36 28.10 -7.87
C GLU A 264 14.75 26.81 -7.35
N PRO A 265 14.00 26.87 -6.23
CA PRO A 265 13.41 25.65 -5.68
C PRO A 265 12.01 25.38 -6.23
N LYS A 266 11.41 24.30 -5.80
CA LYS A 266 10.09 23.92 -6.22
C LYS A 266 9.06 24.77 -5.55
N ALA A 267 8.05 25.23 -6.28
CA ALA A 267 7.07 26.18 -5.76
C ALA A 267 6.21 25.55 -4.67
N ALA A 268 5.67 26.41 -3.82
CA ALA A 268 4.66 25.97 -2.86
C ALA A 268 3.31 25.86 -3.56
N LYS A 269 2.52 24.86 -3.16
CA LYS A 269 1.28 24.59 -3.87
C LYS A 269 0.19 25.61 -3.53
N ASN A 270 0.17 26.10 -2.30
CA ASN A 270 -0.78 27.16 -1.92
C ASN A 270 -0.21 28.54 -2.27
N THR A 271 0.06 28.72 -3.56
CA THR A 271 0.48 30.00 -4.09
C THR A 271 -0.39 30.34 -5.30
N TYR A 272 -0.51 31.64 -5.57
CA TYR A 272 -1.33 32.08 -6.70
C TYR A 272 -0.86 31.43 -8.00
N THR A 273 0.45 31.46 -8.25
CA THR A 273 0.96 30.97 -9.53
C THR A 273 0.77 29.46 -9.67
N ALA A 274 0.98 28.70 -8.59
CA ALA A 274 0.83 27.26 -8.68
C ALA A 274 -0.63 26.84 -8.84
N GLU A 275 -1.52 27.46 -8.07
CA GLU A 275 -2.95 27.16 -8.22
C GLU A 275 -3.43 27.54 -9.61
N ARG A 276 -2.95 28.68 -10.14
CA ARG A 276 -3.30 29.06 -11.50
C ARG A 276 -2.78 28.05 -12.51
N PHE A 277 -1.59 27.51 -12.27
CA PHE A 277 -1.03 26.47 -13.14
C PHE A 277 -1.92 25.25 -13.18
N ILE A 278 -2.29 24.74 -11.99
CA ILE A 278 -3.16 23.56 -11.93
C ILE A 278 -4.49 23.84 -12.61
N TRP A 279 -5.07 25.01 -12.36
CA TRP A 279 -6.37 25.34 -12.93
C TRP A 279 -6.29 25.44 -14.45
N LEU A 280 -5.22 26.01 -14.99
CA LEU A 280 -5.09 26.13 -16.43
C LEU A 280 -4.87 24.77 -17.08
N THR A 281 -4.09 23.90 -16.44
CA THR A 281 -3.93 22.55 -16.97
C THR A 281 -5.27 21.83 -17.00
N LYS A 282 -6.05 21.92 -15.92
CA LYS A 282 -7.37 21.30 -15.90
C LYS A 282 -8.27 21.88 -16.98
N LEU A 283 -8.27 23.22 -17.12
CA LEU A 283 -9.13 23.88 -18.10
C LEU A 283 -8.81 23.43 -19.51
N ASN A 284 -7.53 23.46 -19.89
CA ASN A 284 -7.15 23.06 -21.23
C ASN A 284 -7.33 21.56 -21.45
N ASN A 285 -7.31 20.77 -20.38
CA ASN A 285 -7.47 19.32 -20.50
C ASN A 285 -8.92 18.90 -20.69
N LEU A 286 -9.87 19.79 -20.39
CA LEU A 286 -11.28 19.40 -20.26
C LEU A 286 -11.87 18.97 -21.60
N ARG A 287 -12.58 17.85 -21.60
CA ARG A 287 -13.28 17.34 -22.77
C ARG A 287 -14.75 17.14 -22.44
N ILE A 288 -15.60 17.25 -23.46
CA ILE A 288 -17.05 17.08 -23.31
C ILE A 288 -17.49 15.98 -24.27
N LEU A 289 -18.23 15.03 -23.75
CA LEU A 289 -18.70 13.94 -24.54
C LEU A 289 -20.17 14.00 -24.81
N GLU A 290 -20.52 14.16 -26.05
CA GLU A 290 -21.92 14.22 -26.38
C GLU A 290 -22.34 13.23 -27.43
N GLN A 291 -23.12 12.27 -27.01
CA GLN A 291 -23.74 11.30 -27.89
C GLN A 291 -22.85 10.65 -28.85
N GLY A 292 -21.65 10.38 -28.42
CA GLY A 292 -20.63 9.81 -29.27
C GLY A 292 -19.55 10.79 -29.68
N SER A 293 -19.82 12.09 -29.62
CA SER A 293 -18.84 13.08 -29.98
C SER A 293 -17.89 13.37 -28.81
N GLU A 294 -16.74 13.95 -29.14
CA GLU A 294 -15.77 14.38 -28.15
C GLU A 294 -15.14 15.68 -28.63
N ARG A 295 -15.29 16.74 -27.85
CA ARG A 295 -14.86 18.06 -28.25
C ARG A 295 -14.22 18.80 -27.09
N PRO A 296 -13.27 19.67 -27.36
CA PRO A 296 -12.71 20.54 -26.32
C PRO A 296 -13.60 21.75 -26.10
N LEU A 297 -13.22 22.58 -25.13
CA LEU A 297 -13.98 23.77 -24.81
C LEU A 297 -13.69 24.88 -25.82
N THR A 298 -14.75 25.47 -26.36
CA THR A 298 -14.58 26.63 -27.23
C THR A 298 -14.04 27.80 -26.43
N ASP A 299 -13.43 28.76 -27.10
CA ASP A 299 -12.73 29.82 -26.43
C ASP A 299 -13.62 30.57 -25.53
N THR A 300 -14.85 30.72 -25.96
CA THR A 300 -15.82 31.35 -25.14
C THR A 300 -16.09 30.53 -23.91
N GLU A 301 -16.11 29.21 -24.01
CA GLU A 301 -16.34 28.42 -22.82
C GLU A 301 -15.24 28.62 -21.80
N ARG A 302 -14.01 28.66 -22.26
CA ARG A 302 -12.92 28.87 -21.37
C ARG A 302 -13.00 30.18 -20.72
N ALA A 303 -13.36 31.21 -21.46
CA ALA A 303 -13.46 32.52 -20.85
C ALA A 303 -14.50 32.57 -19.82
N THR A 304 -15.62 31.95 -20.08
CA THR A 304 -16.66 31.94 -19.12
C THR A 304 -16.25 31.28 -17.86
N LEU A 305 -15.58 30.15 -17.96
CA LEU A 305 -15.12 29.44 -16.78
C LEU A 305 -13.93 29.97 -16.12
N MET A 306 -13.08 30.68 -16.81
CA MET A 306 -11.80 30.98 -16.24
C MET A 306 -11.63 31.69 -14.96
N ASP A 307 -12.43 32.65 -14.69
CA ASP A 307 -12.34 33.38 -13.44
C ASP A 307 -13.31 32.88 -12.37
N GLU A 308 -14.15 31.90 -12.70
CA GLU A 308 -15.13 31.41 -11.73
C GLU A 308 -14.51 30.81 -10.47
N PRO A 309 -13.46 29.97 -10.55
CA PRO A 309 -12.86 29.44 -9.30
C PRO A 309 -12.47 30.50 -8.30
N TYR A 310 -12.15 31.72 -8.74
CA TYR A 310 -11.93 32.82 -7.81
C TYR A 310 -13.25 33.37 -7.28
N ARG A 311 -14.19 33.56 -8.17
CA ARG A 311 -15.44 34.14 -7.80
C ARG A 311 -16.21 33.31 -6.84
N LYS A 312 -16.29 32.04 -7.05
CA LYS A 312 -16.98 31.21 -6.10
C LYS A 312 -16.00 30.36 -5.41
N SER A 313 -16.38 29.88 -4.27
CA SER A 313 -15.49 29.13 -3.45
C SER A 313 -14.97 27.89 -4.07
N LYS A 314 -15.80 27.19 -4.82
CA LYS A 314 -15.43 26.01 -5.51
C LYS A 314 -16.14 26.00 -6.79
N LEU A 315 -15.51 25.49 -7.82
CA LEU A 315 -16.13 25.34 -9.09
C LEU A 315 -16.46 23.90 -9.18
N THR A 316 -17.72 23.61 -9.29
CA THR A 316 -18.27 22.28 -9.35
C THR A 316 -18.57 21.97 -10.76
N TYR A 317 -18.54 20.72 -11.11
CA TYR A 317 -18.89 20.34 -12.42
C TYR A 317 -20.34 20.68 -12.67
N ALA A 318 -21.23 20.64 -11.69
CA ALA A 318 -22.62 20.96 -11.97
C ALA A 318 -22.78 22.41 -12.44
N GLN A 319 -22.06 23.28 -11.77
CA GLN A 319 -22.00 24.66 -12.10
C GLN A 319 -21.30 24.91 -13.42
N ALA A 320 -20.29 24.15 -13.76
CA ALA A 320 -19.67 24.21 -15.08
C ALA A 320 -20.71 23.90 -16.15
N ARG A 321 -21.52 22.87 -15.91
CA ARG A 321 -22.61 22.55 -16.82
C ARG A 321 -23.65 23.67 -16.88
N LYS A 322 -23.87 24.37 -15.76
CA LYS A 322 -24.81 25.48 -15.76
C LYS A 322 -24.30 26.66 -16.58
N LEU A 323 -23.03 27.03 -16.41
CA LEU A 323 -22.47 28.17 -17.13
C LEU A 323 -22.34 27.87 -18.61
N LEU A 324 -21.68 26.77 -18.96
CA LEU A 324 -21.69 26.32 -20.34
C LEU A 324 -23.14 26.03 -20.73
N GLY A 325 -23.49 26.33 -21.98
CA GLY A 325 -24.84 26.04 -22.41
C GLY A 325 -25.04 24.56 -22.66
N LEU A 326 -24.61 23.74 -21.69
CA LEU A 326 -24.48 22.30 -21.91
C LEU A 326 -25.86 21.66 -21.99
N GLU A 327 -26.15 21.02 -23.11
CA GLU A 327 -27.40 20.29 -23.26
C GLU A 327 -27.36 19.04 -22.39
N ASP A 328 -28.56 18.61 -21.93
CA ASP A 328 -28.68 17.66 -20.84
C ASP A 328 -28.00 16.33 -21.11
N THR A 329 -27.68 16.00 -22.36
CA THR A 329 -27.06 14.73 -22.68
C THR A 329 -25.53 14.80 -22.77
N ALA A 330 -24.95 16.00 -22.75
CA ALA A 330 -23.50 16.13 -22.72
C ALA A 330 -22.99 15.90 -21.30
N PHE A 331 -21.85 15.22 -21.20
CA PHE A 331 -21.26 14.95 -19.91
C PHE A 331 -19.75 15.13 -19.97
N PHE A 332 -19.14 15.28 -18.79
CA PHE A 332 -17.73 15.62 -18.68
C PHE A 332 -16.87 14.36 -18.70
N LYS A 333 -15.87 14.35 -19.58
CA LYS A 333 -14.95 13.22 -19.66
C LYS A 333 -14.04 13.21 -18.43
N GLY A 334 -13.68 11.99 -18.00
CA GLY A 334 -12.85 11.80 -16.83
C GLY A 334 -13.62 11.70 -15.53
N LEU A 335 -14.74 12.36 -15.42
CA LEU A 335 -15.55 12.30 -14.23
C LEU A 335 -16.20 10.99 -14.14
N ARG A 336 -16.48 10.52 -12.95
CA ARG A 336 -17.11 9.26 -12.76
C ARG A 336 -18.53 9.60 -12.65
N TYR A 337 -19.31 9.16 -13.60
CA TYR A 337 -20.67 9.55 -13.62
C TYR A 337 -21.63 8.62 -13.05
N GLY A 338 -21.19 7.63 -12.33
CA GLY A 338 -22.14 6.68 -11.84
C GLY A 338 -23.30 6.98 -10.92
N LYS A 339 -23.15 7.83 -9.93
CA LYS A 339 -24.23 8.00 -9.01
C LYS A 339 -24.60 9.27 -8.38
N ASP A 340 -25.75 9.79 -8.73
CA ASP A 340 -26.41 10.91 -8.03
C ASP A 340 -25.84 12.27 -7.95
N ASN A 341 -24.68 12.35 -7.38
CA ASN A 341 -24.01 13.57 -7.19
C ASN A 341 -22.64 13.29 -7.69
N ALA A 342 -22.49 13.21 -8.99
CA ALA A 342 -21.19 13.02 -9.52
C ALA A 342 -20.72 14.38 -9.89
N GLU A 343 -21.50 15.14 -10.59
CA GLU A 343 -21.21 16.53 -10.92
C GLU A 343 -21.26 17.44 -9.72
N ALA A 344 -21.43 16.88 -8.51
CA ALA A 344 -21.19 17.63 -7.29
C ALA A 344 -19.71 17.72 -6.95
N SER A 345 -18.88 17.05 -7.69
CA SER A 345 -17.49 17.06 -7.45
C SER A 345 -16.86 18.35 -7.82
N THR A 346 -15.69 18.59 -7.32
CA THR A 346 -14.99 19.79 -7.57
C THR A 346 -14.22 19.77 -8.84
N LEU A 347 -14.27 20.83 -9.60
CA LEU A 347 -13.49 20.88 -10.78
C LEU A 347 -12.28 21.65 -10.39
N MET A 348 -12.41 22.71 -9.64
CA MET A 348 -11.29 23.43 -9.20
C MET A 348 -11.54 24.09 -7.92
N GLU A 349 -10.57 24.20 -7.05
CA GLU A 349 -10.75 24.92 -5.80
C GLU A 349 -9.44 25.62 -5.51
N MET A 350 -9.42 26.95 -5.66
CA MET A 350 -8.25 27.74 -5.28
C MET A 350 -8.24 27.85 -3.77
N LYS A 351 -7.61 26.86 -3.12
CA LYS A 351 -7.62 26.80 -1.66
C LYS A 351 -6.83 27.94 -1.05
N ALA A 352 -5.71 28.33 -1.67
CA ALA A 352 -4.90 29.40 -1.12
C ALA A 352 -5.60 30.75 -1.24
N TYR A 353 -6.08 31.06 -2.45
CA TYR A 353 -6.83 32.29 -2.69
C TYR A 353 -7.93 32.47 -1.64
N HIS A 354 -8.78 31.46 -1.48
CA HIS A 354 -9.92 31.60 -0.59
C HIS A 354 -9.53 31.50 0.88
N ALA A 355 -8.48 30.75 1.21
CA ALA A 355 -7.98 30.75 2.59
C ALA A 355 -7.54 32.14 2.99
N ILE A 356 -6.73 32.80 2.15
CA ILE A 356 -6.28 34.16 2.44
C ILE A 356 -7.47 35.11 2.49
N SER A 357 -8.37 35.00 1.50
CA SER A 357 -9.49 35.92 1.41
C SER A 357 -10.39 35.82 2.64
N ARG A 358 -10.72 34.60 3.06
CA ARG A 358 -11.56 34.41 4.24
C ARG A 358 -10.81 34.79 5.51
N ALA A 359 -9.50 34.56 5.57
CA ALA A 359 -8.72 34.98 6.72
C ALA A 359 -8.82 36.49 6.92
N LEU A 360 -8.71 37.25 5.83
CA LEU A 360 -8.86 38.70 5.93
C LEU A 360 -10.31 39.08 6.23
N GLU A 361 -11.26 38.47 5.51
CA GLU A 361 -12.68 38.80 5.68
C GLU A 361 -13.13 38.62 7.13
N LYS A 362 -12.64 37.55 7.71
CA LYS A 362 -13.03 37.21 9.03
C LYS A 362 -12.69 38.33 9.87
N GLU A 363 -11.58 38.99 9.63
CA GLU A 363 -11.22 40.06 10.52
C GLU A 363 -11.27 41.49 10.09
N GLY A 364 -11.79 41.76 8.92
CA GLY A 364 -11.94 43.11 8.53
C GLY A 364 -11.00 43.77 7.60
N LEU A 365 -10.09 43.03 7.04
CA LEU A 365 -9.19 43.63 6.13
C LEU A 365 -9.62 43.48 4.70
N LYS A 366 -10.71 42.77 4.46
CA LYS A 366 -11.18 42.55 3.09
C LYS A 366 -12.68 42.83 2.94
N ASP A 367 -13.08 43.44 1.84
CA ASP A 367 -14.48 43.76 1.73
C ASP A 367 -15.44 42.63 1.71
N LYS A 368 -15.18 41.66 0.85
CA LYS A 368 -15.91 40.44 0.45
C LYS A 368 -16.74 40.64 -0.74
N LYS A 369 -17.05 41.85 -1.08
CA LYS A 369 -17.77 42.03 -2.33
C LYS A 369 -16.81 42.03 -3.51
N SER A 370 -15.55 42.41 -3.27
CA SER A 370 -14.51 42.53 -4.28
C SER A 370 -13.41 41.49 -4.06
N PRO A 371 -12.87 41.00 -5.15
CA PRO A 371 -11.82 40.03 -5.19
C PRO A 371 -10.69 40.54 -4.42
N LEU A 372 -9.96 39.65 -3.79
CA LEU A 372 -8.86 39.99 -2.93
C LEU A 372 -7.95 40.76 -3.76
N ASN A 373 -7.39 41.76 -3.14
CA ASN A 373 -6.54 42.65 -3.87
C ASN A 373 -5.08 42.50 -3.73
N LEU A 374 -4.56 41.46 -3.13
CA LEU A 374 -3.14 41.33 -3.05
C LEU A 374 -2.66 40.90 -4.36
N SER A 375 -1.45 41.21 -4.64
CA SER A 375 -0.87 40.88 -5.89
C SER A 375 -0.60 39.41 -6.04
N PRO A 376 -0.55 38.96 -7.24
CA PRO A 376 -0.18 37.60 -7.46
C PRO A 376 1.13 37.36 -6.75
N GLU A 377 2.12 38.23 -6.81
CA GLU A 377 3.35 38.09 -6.12
C GLU A 377 3.22 38.10 -4.64
N LEU A 378 2.42 38.97 -4.11
CA LEU A 378 2.23 38.99 -2.66
C LEU A 378 1.58 37.70 -2.18
N GLN A 379 0.61 37.17 -2.92
CA GLN A 379 0.03 35.88 -2.57
C GLN A 379 1.06 34.77 -2.69
N ASP A 380 1.88 34.80 -3.75
CA ASP A 380 2.96 33.83 -3.88
C ASP A 380 3.87 33.83 -2.67
N GLU A 381 4.24 35.03 -2.20
CA GLU A 381 5.12 35.13 -1.05
C GLU A 381 4.45 34.64 0.23
N ILE A 382 3.18 35.03 0.44
CA ILE A 382 2.44 34.51 1.59
C ILE A 382 2.45 32.99 1.57
N GLY A 383 2.16 32.39 0.42
CA GLY A 383 2.08 30.93 0.36
C GLY A 383 3.43 30.27 0.59
N THR A 384 4.47 30.76 -0.07
CA THR A 384 5.79 30.14 0.08
C THR A 384 6.29 30.27 1.51
N ALA A 385 6.07 31.43 2.15
CA ALA A 385 6.53 31.61 3.52
C ALA A 385 5.71 30.77 4.49
N PHE A 386 4.39 30.69 4.30
CA PHE A 386 3.55 29.93 5.22
C PHE A 386 3.69 28.43 5.01
N SER A 387 4.24 28.00 3.88
CA SER A 387 4.54 26.59 3.66
C SER A 387 5.99 26.23 3.98
N LEU A 388 6.87 27.22 4.13
CA LEU A 388 8.28 26.95 4.38
C LEU A 388 8.69 27.05 5.85
N PHE A 389 7.83 27.58 6.72
CA PHE A 389 8.19 27.80 8.11
C PHE A 389 7.06 27.35 9.03
N LYS A 390 7.45 26.90 10.23
CA LYS A 390 6.53 26.22 11.13
C LYS A 390 6.34 26.93 12.47
N THR A 391 6.75 28.20 12.59
CA THR A 391 6.55 28.96 13.81
C THR A 391 6.07 30.36 13.47
N ASP A 392 5.59 31.09 14.49
CA ASP A 392 5.23 32.49 14.31
C ASP A 392 6.43 33.32 13.88
N GLU A 393 7.53 33.22 14.64
CA GLU A 393 8.60 34.19 14.53
C GLU A 393 9.30 34.13 13.17
N ASP A 394 9.52 32.92 12.65
CA ASP A 394 10.15 32.81 11.33
C ASP A 394 9.21 33.33 10.23
N ILE A 395 7.92 33.05 10.34
CA ILE A 395 6.98 33.53 9.33
C ILE A 395 6.88 35.05 9.37
N THR A 396 6.84 35.63 10.57
CA THR A 396 6.78 37.08 10.71
C THR A 396 8.07 37.72 10.23
N GLY A 397 9.21 37.09 10.48
CA GLY A 397 10.47 37.61 9.94
C GLY A 397 10.52 37.55 8.43
N ARG A 398 9.97 36.50 7.83
CA ARG A 398 10.00 36.35 6.39
C ARG A 398 9.01 37.28 5.69
N LEU A 399 7.87 37.56 6.32
CA LEU A 399 6.78 38.27 5.66
C LEU A 399 6.60 39.72 6.10
N LYS A 400 7.18 40.12 7.23
CA LYS A 400 7.02 41.49 7.70
C LYS A 400 7.61 42.48 6.70
N ASP A 401 8.68 42.09 6.00
CA ASP A 401 9.34 43.00 5.08
C ASP A 401 8.42 43.47 3.96
N ARG A 402 7.43 42.66 3.58
CA ARG A 402 6.73 42.90 2.32
C ARG A 402 5.20 43.02 2.39
N ILE A 403 4.55 42.65 3.49
CA ILE A 403 3.10 42.86 3.58
C ILE A 403 2.76 43.37 4.98
N GLN A 404 1.67 44.15 5.05
CA GLN A 404 1.33 44.95 6.22
C GLN A 404 1.04 44.07 7.44
N PRO A 405 1.19 44.62 8.65
CA PRO A 405 1.08 43.78 9.86
C PRO A 405 -0.35 43.37 10.21
N GLU A 406 -1.36 44.20 9.94
CA GLU A 406 -2.72 43.81 10.30
C GLU A 406 -3.16 42.58 9.50
N ILE A 407 -2.94 42.60 8.19
CA ILE A 407 -3.31 41.46 7.36
C ILE A 407 -2.41 40.27 7.66
N LEU A 408 -1.13 40.52 7.93
CA LEU A 408 -0.22 39.45 8.34
C LEU A 408 -0.72 38.74 9.59
N GLU A 409 -0.89 39.51 10.67
CA GLU A 409 -1.38 38.98 11.93
C GLU A 409 -2.70 38.23 11.74
N ALA A 410 -3.55 38.72 10.83
CA ALA A 410 -4.72 37.94 10.46
C ALA A 410 -4.32 36.59 9.89
N LEU A 411 -3.32 36.59 8.99
CA LEU A 411 -2.90 35.35 8.33
C LEU A 411 -2.31 34.35 9.32
N LEU A 412 -1.58 34.84 10.34
CA LEU A 412 -0.96 33.95 11.32
C LEU A 412 -1.99 33.18 12.14
N LYS A 413 -3.21 33.70 12.26
CA LYS A 413 -4.20 33.09 13.15
C LYS A 413 -4.98 31.95 12.50
N HIS A 414 -5.24 32.04 11.19
CA HIS A 414 -6.10 31.08 10.52
C HIS A 414 -5.38 30.13 9.57
N ILE A 415 -4.42 30.65 8.85
CA ILE A 415 -3.76 29.89 7.83
C ILE A 415 -2.86 28.75 8.17
N SER A 416 -3.08 27.58 7.56
CA SER A 416 -2.27 26.38 7.69
C SER A 416 -1.99 25.72 6.35
N PHE A 417 -0.99 26.18 5.60
CA PHE A 417 -0.69 25.65 4.28
C PHE A 417 0.42 24.64 4.35
N ASP A 418 0.39 23.56 3.59
CA ASP A 418 1.45 22.57 3.55
C ASP A 418 1.67 21.60 2.37
N LYS A 419 2.14 21.98 1.19
CA LYS A 419 2.53 21.02 0.11
C LYS A 419 3.34 21.69 -0.91
N PHE A 420 4.00 20.96 -1.75
CA PHE A 420 4.80 21.53 -2.79
C PHE A 420 4.54 20.88 -4.11
N VAL A 421 4.89 21.54 -5.17
CA VAL A 421 4.72 21.06 -6.54
C VAL A 421 6.10 20.79 -7.12
N GLN A 422 6.14 20.34 -8.38
CA GLN A 422 7.39 19.89 -8.99
C GLN A 422 8.13 20.98 -9.76
N ILE A 423 7.55 22.17 -9.90
CA ILE A 423 8.12 23.21 -10.75
C ILE A 423 8.26 24.49 -9.93
N SER A 424 9.23 25.33 -10.33
CA SER A 424 9.51 26.57 -9.61
C SER A 424 8.51 27.66 -9.97
N LEU A 425 8.34 28.61 -9.04
CA LEU A 425 7.58 29.82 -9.35
C LEU A 425 8.18 30.56 -10.53
N LYS A 426 9.50 30.55 -10.66
CA LYS A 426 10.15 31.23 -11.78
C LYS A 426 9.83 30.54 -13.10
N ALA A 427 9.88 29.21 -13.13
CA ALA A 427 9.54 28.49 -14.36
C ALA A 427 8.06 28.58 -14.67
N LEU A 428 7.21 28.58 -13.65
CA LEU A 428 5.77 28.72 -13.87
C LEU A 428 5.42 30.09 -14.43
N ARG A 429 6.06 31.15 -13.89
CA ARG A 429 5.75 32.51 -14.34
C ARG A 429 6.08 32.74 -15.81
N ARG A 430 6.97 31.94 -16.38
CA ARG A 430 7.25 31.98 -17.81
C ARG A 430 6.36 31.03 -18.60
N ILE A 431 5.64 30.14 -17.92
CA ILE A 431 4.88 29.08 -18.58
C ILE A 431 3.38 29.37 -18.59
N VAL A 432 2.80 29.66 -17.42
CA VAL A 432 1.35 29.79 -17.32
C VAL A 432 0.77 30.94 -18.14
N PRO A 433 1.51 32.02 -18.47
CA PRO A 433 0.94 32.99 -19.43
C PRO A 433 0.70 32.40 -20.81
N LEU A 434 1.37 31.28 -21.15
CA LEU A 434 1.15 30.64 -22.43
C LEU A 434 -0.01 29.65 -22.39
N MET A 435 -0.14 28.90 -21.28
CA MET A 435 -1.30 28.04 -21.11
C MET A 435 -2.58 28.84 -20.89
N GLU A 436 -2.46 30.08 -20.41
CA GLU A 436 -3.61 30.98 -20.44
C GLU A 436 -4.13 31.18 -21.86
N GLN A 437 -3.25 31.04 -22.85
CA GLN A 437 -3.62 31.09 -24.26
C GLN A 437 -3.92 29.70 -24.82
N GLY A 438 -4.32 28.75 -23.98
CA GLY A 438 -4.88 27.50 -24.43
C GLY A 438 -3.90 26.40 -24.78
N LYS A 439 -2.60 26.62 -24.56
CA LYS A 439 -1.60 25.62 -24.94
C LYS A 439 -1.32 24.68 -23.78
N ARG A 440 -1.06 23.41 -24.11
CA ARG A 440 -0.83 22.39 -23.09
C ARG A 440 0.54 22.57 -22.44
N TYR A 441 0.78 21.85 -21.39
CA TYR A 441 2.00 21.96 -20.68
C TYR A 441 3.19 21.55 -21.43
N ASP A 442 3.19 20.44 -22.13
CA ASP A 442 4.38 20.08 -22.86
C ASP A 442 4.69 21.04 -23.93
N GLU A 443 3.69 21.52 -24.62
CA GLU A 443 3.89 22.48 -25.65
C GLU A 443 4.45 23.73 -25.05
N ALA A 444 3.89 24.16 -23.96
CA ALA A 444 4.35 25.34 -23.32
C ALA A 444 5.76 25.19 -22.91
N CYS A 445 6.15 24.09 -22.30
CA CYS A 445 7.54 23.91 -21.87
C CYS A 445 8.45 23.83 -23.02
N ALA A 446 8.01 23.21 -24.07
CA ALA A 446 8.80 23.10 -25.22
C ALA A 446 9.12 24.44 -25.79
N GLU A 447 8.18 25.36 -25.87
CA GLU A 447 8.53 26.63 -26.44
C GLU A 447 9.55 27.31 -25.63
N ILE A 448 9.46 27.20 -24.33
CA ILE A 448 10.45 27.92 -23.55
C ILE A 448 11.75 27.13 -23.45
N TYR A 449 11.70 26.02 -22.72
CA TYR A 449 12.87 25.16 -22.56
C TYR A 449 12.77 24.06 -23.61
N GLY A 450 13.11 24.41 -24.84
CA GLY A 450 12.84 23.57 -25.99
C GLY A 450 13.76 22.38 -26.10
N ASP A 451 14.32 21.95 -25.00
CA ASP A 451 15.10 20.74 -25.04
C ASP A 451 14.69 19.73 -23.99
N HIS A 452 14.47 20.17 -22.75
CA HIS A 452 14.25 19.34 -21.57
C HIS A 452 14.42 20.24 -20.35
N THR A 458 20.63 7.78 -21.50
CA THR A 458 20.06 7.11 -22.66
C THR A 458 21.13 6.42 -23.50
N GLU A 459 21.98 5.64 -22.84
CA GLU A 459 22.94 4.77 -23.50
C GLU A 459 22.74 3.37 -22.94
N GLU A 460 22.63 2.38 -23.82
CA GLU A 460 22.13 1.06 -23.45
C GLU A 460 23.26 0.07 -23.20
N LYS A 461 23.04 -0.82 -22.25
CA LYS A 461 23.95 -1.89 -21.88
C LYS A 461 23.27 -3.24 -22.13
N ILE A 462 24.02 -4.32 -21.88
CA ILE A 462 23.45 -5.66 -21.99
C ILE A 462 22.42 -5.90 -20.91
N TYR A 463 22.72 -5.49 -19.68
CA TYR A 463 21.89 -5.79 -18.52
C TYR A 463 21.17 -4.54 -18.02
N LEU A 464 19.92 -4.73 -17.62
CA LEU A 464 19.11 -3.62 -17.13
C LEU A 464 19.70 -3.06 -15.84
N PRO A 465 19.86 -1.74 -15.72
CA PRO A 465 20.40 -1.17 -14.49
C PRO A 465 19.36 -1.15 -13.39
N PRO A 466 19.73 -0.82 -12.15
CA PRO A 466 18.75 -0.80 -11.06
C PRO A 466 17.57 0.12 -11.37
N ILE A 467 16.44 -0.19 -10.75
CA ILE A 467 15.24 0.64 -10.87
C ILE A 467 15.45 1.91 -10.07
N PRO A 468 15.43 3.08 -10.70
CA PRO A 468 15.63 4.33 -9.95
C PRO A 468 14.48 4.56 -8.98
N ALA A 469 14.82 4.75 -7.71
CA ALA A 469 13.79 5.00 -6.69
C ALA A 469 13.11 6.34 -6.88
N ASP A 470 13.79 7.30 -7.52
CA ASP A 470 13.20 8.61 -7.72
C ASP A 470 12.01 8.55 -8.66
N GLU A 471 12.11 7.75 -9.72
CA GLU A 471 11.00 7.62 -10.66
C GLU A 471 9.91 6.68 -10.14
N ILE A 472 10.23 5.80 -9.19
CA ILE A 472 9.24 4.90 -8.62
C ILE A 472 9.04 5.26 -7.15
N ARG A 473 8.07 6.14 -6.88
CA ARG A 473 7.82 6.60 -5.51
C ARG A 473 6.80 5.70 -4.81
N ASN A 474 7.06 4.39 -4.83
CA ASN A 474 6.14 3.41 -4.26
C ASN A 474 6.92 2.17 -3.86
N PRO A 475 6.83 1.75 -2.59
CA PRO A 475 7.66 0.61 -2.15
C PRO A 475 7.27 -0.70 -2.81
N VAL A 476 5.97 -1.00 -2.87
CA VAL A 476 5.51 -2.26 -3.47
C VAL A 476 5.92 -2.33 -4.93
N VAL A 477 5.67 -1.24 -5.68
CA VAL A 477 6.06 -1.18 -7.08
C VAL A 477 7.56 -1.32 -7.23
N LEU A 478 8.33 -0.65 -6.36
CA LEU A 478 9.79 -0.70 -6.47
C LEU A 478 10.31 -2.11 -6.29
N ARG A 479 9.78 -2.84 -5.30
CA ARG A 479 10.22 -4.21 -5.11
C ARG A 479 9.80 -5.12 -6.26
N ALA A 480 8.55 -4.96 -6.72
CA ALA A 480 8.10 -5.76 -7.87
C ALA A 480 9.01 -5.55 -9.07
N LEU A 481 9.37 -4.29 -9.34
CA LEU A 481 10.21 -4.00 -10.49
C LEU A 481 11.65 -4.46 -10.29
N SER A 482 12.16 -4.39 -9.06
CA SER A 482 13.48 -4.93 -8.79
C SER A 482 13.54 -6.42 -9.04
N GLN A 483 12.52 -7.16 -8.59
CA GLN A 483 12.49 -8.60 -8.84
C GLN A 483 12.30 -8.91 -10.32
N ALA A 484 11.50 -8.10 -11.01
CA ALA A 484 11.37 -8.26 -12.46
C ALA A 484 12.71 -8.03 -13.15
N ARG A 485 13.48 -7.03 -12.70
CA ARG A 485 14.81 -6.80 -13.25
C ARG A 485 15.73 -7.99 -13.00
N LYS A 486 15.67 -8.56 -11.79
CA LYS A 486 16.46 -9.76 -11.50
C LYS A 486 16.11 -10.88 -12.48
N VAL A 487 14.82 -11.11 -12.71
CA VAL A 487 14.40 -12.16 -13.62
C VAL A 487 14.87 -11.87 -15.05
N ILE A 488 14.76 -10.61 -15.47
CA ILE A 488 15.19 -10.24 -16.83
C ILE A 488 16.68 -10.48 -17.01
N ASN A 489 17.48 -10.03 -16.05
CA ASN A 489 18.93 -10.19 -16.16
C ASN A 489 19.34 -11.66 -16.09
N GLY A 490 18.62 -12.46 -15.30
CA GLY A 490 18.91 -13.89 -15.30
C GLY A 490 18.60 -14.53 -16.64
N VAL A 491 17.46 -14.18 -17.23
CA VAL A 491 17.10 -14.72 -18.54
C VAL A 491 18.13 -14.31 -19.57
N VAL A 492 18.66 -13.09 -19.46
CA VAL A 492 19.68 -12.63 -20.40
C VAL A 492 20.97 -13.43 -20.21
N ARG A 493 21.42 -13.58 -18.97
CA ARG A 493 22.61 -14.38 -18.70
C ARG A 493 22.48 -15.77 -19.30
N ARG A 494 21.32 -16.41 -19.12
CA ARG A 494 21.20 -17.80 -19.54
C ARG A 494 21.01 -17.94 -21.05
N TYR A 495 20.28 -17.01 -21.68
CA TYR A 495 19.92 -17.18 -23.09
C TYR A 495 20.29 -16.01 -23.98
N GLY A 496 20.94 -14.98 -23.46
CA GLY A 496 21.32 -13.85 -24.28
C GLY A 496 20.27 -12.75 -24.30
N SER A 497 20.43 -11.85 -25.25
CA SER A 497 19.54 -10.69 -25.35
C SER A 497 18.23 -11.09 -26.02
N PRO A 498 17.09 -10.75 -25.44
CA PRO A 498 15.81 -11.07 -26.08
C PRO A 498 15.48 -10.10 -27.21
N ALA A 499 14.67 -10.59 -28.15
CA ALA A 499 14.19 -9.74 -29.22
C ALA A 499 13.29 -8.63 -28.67
N ARG A 500 12.21 -8.95 -28.01
CA ARG A 500 11.34 -8.00 -27.37
C ARG A 500 10.86 -8.47 -26.02
N ILE A 501 10.47 -7.57 -25.15
CA ILE A 501 9.97 -7.86 -23.81
C ILE A 501 8.53 -7.40 -23.74
N HIS A 502 7.62 -8.34 -23.49
CA HIS A 502 6.19 -8.06 -23.36
C HIS A 502 5.80 -8.18 -21.89
N ILE A 503 5.02 -7.23 -21.41
CA ILE A 503 4.74 -7.11 -19.98
C ILE A 503 3.23 -7.12 -19.76
N GLU A 504 2.81 -7.83 -18.71
CA GLU A 504 1.46 -7.75 -18.15
C GLU A 504 1.62 -7.60 -16.65
N THR A 505 1.21 -6.46 -16.11
CA THR A 505 1.30 -6.21 -14.69
C THR A 505 -0.10 -6.14 -14.09
N ALA A 506 -0.28 -6.82 -12.96
CA ALA A 506 -1.58 -6.85 -12.30
C ALA A 506 -2.10 -5.44 -12.07
N ARG A 507 -3.42 -5.30 -12.16
CA ARG A 507 -4.04 -4.00 -11.92
C ARG A 507 -3.81 -3.50 -10.50
N GLU A 508 -3.54 -4.42 -9.56
CA GLU A 508 -3.30 -4.03 -8.18
C GLU A 508 -1.87 -3.54 -7.95
N VAL A 509 -1.01 -3.58 -8.96
CA VAL A 509 0.33 -3.02 -8.84
C VAL A 509 0.22 -1.51 -8.96
N GLY A 510 0.68 -0.80 -7.93
CA GLY A 510 0.55 0.64 -7.88
C GLY A 510 -0.69 1.15 -7.18
N LYS A 511 -1.40 0.29 -6.47
CA LYS A 511 -2.66 0.64 -5.83
C LYS A 511 -2.48 0.66 -4.32
N SER A 512 -3.13 1.63 -3.67
CA SER A 512 -3.12 1.70 -2.21
C SER A 512 -3.61 0.41 -1.61
N PHE A 513 -3.18 0.13 -0.38
CA PHE A 513 -3.66 -1.06 0.32
C PHE A 513 -5.17 -1.05 0.45
N LYS A 514 -5.75 0.10 0.80
CA LYS A 514 -7.19 0.19 0.94
C LYS A 514 -7.88 0.00 -0.40
N ASP A 515 -7.27 0.48 -1.49
CA ASP A 515 -7.83 0.23 -2.82
C ASP A 515 -7.84 -1.26 -3.13
N ARG A 516 -6.77 -1.97 -2.78
CA ARG A 516 -6.71 -3.40 -3.08
C ARG A 516 -7.73 -4.17 -2.26
N LYS A 517 -7.87 -3.85 -0.97
CA LYS A 517 -8.87 -4.56 -0.16
C LYS A 517 -10.29 -4.21 -0.60
N GLU A 518 -10.53 -2.97 -1.04
CA GLU A 518 -11.83 -2.63 -1.60
C GLU A 518 -12.11 -3.42 -2.87
N ILE A 519 -11.10 -3.55 -3.74
CA ILE A 519 -11.21 -4.40 -4.92
C ILE A 519 -11.60 -5.82 -4.51
N GLU A 520 -10.98 -6.34 -3.46
CA GLU A 520 -11.26 -7.70 -3.01
C GLU A 520 -12.71 -7.84 -2.54
N LYS A 521 -13.19 -6.88 -1.75
CA LYS A 521 -14.57 -6.95 -1.29
C LYS A 521 -15.55 -6.81 -2.46
N ARG A 522 -15.20 -6.00 -3.47
CA ARG A 522 -16.05 -5.89 -4.66
C ARG A 522 -16.08 -7.18 -5.45
N GLN A 523 -14.94 -7.87 -5.54
CA GLN A 523 -14.89 -9.15 -6.25
C GLN A 523 -15.75 -10.19 -5.55
N GLU A 524 -15.69 -10.22 -4.21
CA GLU A 524 -16.58 -11.12 -3.47
C GLU A 524 -18.04 -10.77 -3.72
N GLU A 525 -18.36 -9.47 -3.68
CA GLU A 525 -19.74 -9.04 -3.92
C GLU A 525 -20.22 -9.46 -5.31
N ASN A 526 -19.35 -9.37 -6.32
CA ASN A 526 -19.74 -9.76 -7.66
C ASN A 526 -19.89 -11.27 -7.79
N ARG A 527 -19.02 -12.04 -7.10
CA ARG A 527 -19.19 -13.48 -7.08
C ARG A 527 -20.51 -13.89 -6.47
N LYS A 528 -21.02 -13.12 -5.51
CA LYS A 528 -22.34 -13.42 -4.95
C LYS A 528 -23.47 -12.96 -5.89
N ASP A 529 -23.32 -11.76 -6.45
CA ASP A 529 -24.36 -11.21 -7.31
C ASP A 529 -24.57 -12.05 -8.56
N ARG A 530 -23.49 -12.64 -9.10
CA ARG A 530 -23.66 -13.46 -10.29
C ARG A 530 -24.38 -14.77 -9.99
N GLU A 531 -24.15 -15.35 -8.81
CA GLU A 531 -24.91 -16.55 -8.46
C GLU A 531 -26.38 -16.22 -8.23
N LYS A 532 -26.66 -15.02 -7.71
CA LYS A 532 -28.06 -14.59 -7.64
C LYS A 532 -28.66 -14.42 -9.05
N ALA A 533 -27.87 -13.88 -9.97
CA ALA A 533 -28.33 -13.74 -11.36
C ALA A 533 -28.60 -15.11 -11.99
N ALA A 534 -27.76 -16.10 -11.66
CA ALA A 534 -27.97 -17.44 -12.19
C ALA A 534 -29.23 -18.08 -11.62
N ALA A 535 -29.49 -17.88 -10.32
CA ALA A 535 -30.75 -18.35 -9.75
C ALA A 535 -31.94 -17.71 -10.45
N LYS A 536 -31.87 -16.41 -10.72
CA LYS A 536 -32.95 -15.73 -11.44
C LYS A 536 -33.10 -16.29 -12.85
N PHE A 537 -31.99 -16.54 -13.54
CA PHE A 537 -32.04 -17.15 -14.86
C PHE A 537 -32.69 -18.51 -14.81
N ARG A 538 -32.48 -19.26 -13.74
N ARG A 538 -32.42 -19.28 -13.75
CA ARG A 538 -33.07 -20.60 -13.66
CA ARG A 538 -33.04 -20.58 -13.57
C ARG A 538 -34.57 -20.54 -13.39
C ARG A 538 -34.55 -20.45 -13.45
N GLU A 539 -35.00 -19.66 -12.50
CA GLU A 539 -36.40 -19.55 -12.28
C GLU A 539 -37.09 -18.79 -13.37
N TYR A 540 -36.38 -18.30 -14.36
CA TYR A 540 -37.01 -17.63 -15.44
C TYR A 540 -37.22 -18.66 -16.46
N PHE A 541 -36.20 -19.47 -16.74
CA PHE A 541 -36.27 -20.53 -17.75
C PHE A 541 -35.99 -21.76 -16.98
N PRO A 542 -37.01 -22.32 -16.37
CA PRO A 542 -37.14 -23.46 -15.49
C PRO A 542 -36.84 -24.79 -16.10
N ASN A 543 -37.34 -25.02 -17.28
CA ASN A 543 -37.06 -26.26 -17.89
C ASN A 543 -35.87 -25.83 -18.58
N PHE A 544 -34.89 -25.47 -17.83
CA PHE A 544 -33.68 -25.14 -18.66
C PHE A 544 -32.66 -26.19 -18.35
N VAL A 545 -32.08 -26.80 -19.34
CA VAL A 545 -31.12 -27.84 -19.08
C VAL A 545 -29.75 -27.34 -18.67
N GLY A 546 -29.23 -27.93 -17.61
CA GLY A 546 -27.90 -27.56 -17.23
C GLY A 546 -27.66 -27.11 -15.82
N GLU A 547 -27.03 -25.92 -15.99
CA GLU A 547 -26.57 -24.69 -15.27
C GLU A 547 -26.17 -23.77 -16.50
N PRO A 548 -26.39 -22.45 -16.46
CA PRO A 548 -26.09 -21.64 -17.65
C PRO A 548 -24.73 -21.03 -17.80
N LYS A 549 -24.24 -20.75 -19.02
CA LYS A 549 -22.92 -20.14 -19.17
C LYS A 549 -23.01 -18.66 -18.81
N SER A 550 -21.89 -17.96 -18.95
CA SER A 550 -21.89 -16.53 -18.69
C SER A 550 -22.50 -15.73 -19.84
N LYS A 551 -22.35 -16.21 -21.08
CA LYS A 551 -23.00 -15.53 -22.20
C LYS A 551 -24.52 -15.50 -22.05
N ASP A 552 -25.11 -16.55 -21.47
CA ASP A 552 -26.55 -16.58 -21.29
C ASP A 552 -27.01 -15.54 -20.27
N ILE A 553 -26.30 -15.44 -19.15
CA ILE A 553 -26.67 -14.47 -18.13
C ILE A 553 -26.45 -13.05 -18.64
N LEU A 554 -25.38 -12.84 -19.41
CA LEU A 554 -25.18 -11.54 -20.02
C LEU A 554 -26.28 -11.24 -21.04
N LYS A 555 -26.73 -12.27 -21.76
CA LYS A 555 -27.86 -12.11 -22.68
C LYS A 555 -29.10 -11.63 -21.93
N LEU A 556 -29.42 -12.25 -20.81
CA LEU A 556 -30.60 -11.86 -20.05
C LEU A 556 -30.42 -10.46 -19.44
N ARG A 557 -29.22 -10.13 -18.99
CA ARG A 557 -28.98 -8.79 -18.43
C ARG A 557 -29.15 -7.71 -19.50
N LEU A 558 -28.61 -7.95 -20.69
CA LEU A 558 -28.80 -7.00 -21.79
C LEU A 558 -30.26 -6.92 -22.20
N TYR A 559 -30.95 -8.07 -22.20
CA TYR A 559 -32.39 -8.10 -22.41
C TYR A 559 -33.10 -7.12 -21.48
N GLU A 560 -32.86 -7.27 -20.18
CA GLU A 560 -33.47 -6.37 -19.20
C GLU A 560 -33.07 -4.93 -19.48
N GLN A 561 -31.80 -4.68 -19.79
CA GLN A 561 -31.32 -3.32 -19.95
C GLN A 561 -31.93 -2.62 -21.14
N GLN A 562 -32.29 -3.37 -22.20
CA GLN A 562 -32.84 -2.77 -23.41
C GLN A 562 -34.35 -2.88 -23.50
N HIS A 563 -35.03 -3.13 -22.36
CA HIS A 563 -36.50 -3.18 -22.27
C HIS A 563 -37.08 -4.30 -23.12
N GLY A 564 -36.37 -5.42 -23.23
CA GLY A 564 -36.83 -6.53 -24.05
C GLY A 564 -37.04 -6.14 -25.50
N LYS A 565 -36.15 -5.34 -26.06
CA LYS A 565 -36.34 -4.71 -27.36
C LYS A 565 -35.01 -4.71 -28.09
N CYS A 566 -34.97 -5.31 -29.28
CA CYS A 566 -33.74 -5.42 -30.03
C CYS A 566 -33.20 -4.04 -30.40
N LEU A 567 -31.92 -3.81 -30.14
CA LEU A 567 -31.31 -2.50 -30.37
C LEU A 567 -31.13 -2.19 -31.84
N TYR A 568 -31.28 -3.17 -32.74
CA TYR A 568 -31.04 -2.94 -34.15
C TYR A 568 -32.32 -2.92 -34.99
N SER A 569 -33.42 -3.49 -34.49
CA SER A 569 -34.65 -3.56 -35.27
C SER A 569 -35.87 -3.03 -34.55
N GLY A 570 -35.90 -3.01 -33.21
CA GLY A 570 -37.07 -2.61 -32.48
C GLY A 570 -38.05 -3.72 -32.19
N LYS A 571 -37.99 -4.82 -32.95
CA LYS A 571 -38.86 -5.95 -32.65
C LYS A 571 -38.54 -6.51 -31.27
N GLU A 572 -39.59 -6.85 -30.52
CA GLU A 572 -39.38 -7.38 -29.18
C GLU A 572 -38.67 -8.72 -29.24
N ILE A 573 -37.58 -8.83 -28.49
CA ILE A 573 -37.01 -10.14 -28.20
C ILE A 573 -37.99 -10.92 -27.34
N ASN A 574 -38.23 -12.18 -27.71
CA ASN A 574 -39.15 -13.02 -26.96
C ASN A 574 -38.37 -13.78 -25.90
N LEU A 575 -38.69 -13.52 -24.62
CA LEU A 575 -37.93 -14.09 -23.51
C LEU A 575 -37.89 -15.61 -23.55
N GLY A 576 -39.03 -16.25 -23.85
CA GLY A 576 -39.07 -17.70 -23.82
C GLY A 576 -38.11 -18.36 -24.79
N ARG A 577 -37.80 -17.69 -25.89
CA ARG A 577 -36.86 -18.19 -26.88
C ARG A 577 -35.43 -17.72 -26.65
N LEU A 578 -35.13 -17.17 -25.47
CA LEU A 578 -33.91 -16.39 -25.28
C LEU A 578 -32.65 -17.19 -25.56
N ASN A 579 -32.65 -18.47 -25.21
CA ASN A 579 -31.48 -19.32 -25.46
C ASN A 579 -31.69 -20.28 -26.62
N GLU A 580 -32.77 -20.10 -27.38
CA GLU A 580 -32.87 -20.75 -28.68
C GLU A 580 -31.66 -20.39 -29.54
N LYS A 581 -31.16 -21.37 -30.28
CA LYS A 581 -29.86 -21.24 -30.94
C LYS A 581 -29.97 -20.32 -32.15
N GLY A 582 -29.16 -19.26 -32.16
CA GLY A 582 -29.20 -18.27 -33.21
C GLY A 582 -30.29 -17.24 -33.06
N TYR A 583 -31.21 -17.41 -32.10
CA TYR A 583 -32.32 -16.47 -31.94
C TYR A 583 -31.82 -15.07 -31.59
N VAL A 584 -30.91 -14.97 -30.63
CA VAL A 584 -30.36 -13.70 -30.20
C VAL A 584 -28.84 -13.79 -30.22
N GLU A 585 -28.20 -12.76 -30.75
CA GLU A 585 -26.76 -12.62 -30.74
C GLU A 585 -26.36 -11.45 -29.85
N ILE A 586 -25.09 -11.46 -29.44
CA ILE A 586 -24.46 -10.33 -28.75
C ILE A 586 -23.41 -9.77 -29.71
N ASP A 587 -23.70 -8.62 -30.28
CA ASP A 587 -22.81 -8.00 -31.25
C ASP A 587 -21.89 -6.98 -30.58
N HIS A 588 -20.70 -6.85 -31.15
CA HIS A 588 -19.78 -5.78 -30.81
C HIS A 588 -20.20 -4.55 -31.61
N ALA A 589 -20.78 -3.55 -30.92
CA ALA A 589 -21.23 -2.33 -31.57
C ALA A 589 -20.14 -1.79 -32.50
N LEU A 590 -19.00 -1.44 -31.94
CA LEU A 590 -17.85 -1.24 -32.79
C LEU A 590 -17.24 -2.59 -33.14
N PRO A 591 -16.78 -2.79 -34.38
CA PRO A 591 -16.21 -4.09 -34.75
C PRO A 591 -14.87 -4.31 -34.06
N PHE A 592 -14.74 -5.49 -33.45
CA PHE A 592 -13.51 -5.84 -32.73
C PHE A 592 -12.29 -5.83 -33.64
N SER A 593 -12.48 -5.98 -34.96
CA SER A 593 -11.35 -6.05 -35.87
C SER A 593 -10.66 -4.71 -36.04
N ARG A 594 -11.40 -3.61 -35.92
CA ARG A 594 -10.84 -2.27 -36.13
C ARG A 594 -10.60 -1.52 -34.84
N THR A 595 -11.04 -2.04 -33.71
CA THR A 595 -10.94 -1.31 -32.44
C THR A 595 -10.26 -2.15 -31.38
N TRP A 596 -10.32 -3.47 -31.53
CA TRP A 596 -9.83 -4.40 -30.51
C TRP A 596 -10.40 -4.05 -29.14
N ASP A 597 -11.66 -3.63 -29.12
CA ASP A 597 -12.35 -3.22 -27.90
C ASP A 597 -13.42 -4.27 -27.59
N ASP A 598 -13.20 -5.01 -26.51
CA ASP A 598 -14.06 -6.10 -26.07
C ASP A 598 -14.78 -5.73 -24.77
N SER A 599 -14.70 -4.45 -24.37
CA SER A 599 -15.36 -4.00 -23.15
C SER A 599 -16.87 -4.08 -23.27
N PHE A 600 -17.53 -4.23 -22.11
CA PHE A 600 -18.99 -4.29 -22.07
C PHE A 600 -19.63 -2.98 -22.53
N ASN A 601 -18.86 -1.89 -22.63
CA ASN A 601 -19.33 -0.66 -23.25
C ASN A 601 -19.58 -0.82 -24.75
N ASN A 602 -19.37 -2.01 -25.29
CA ASN A 602 -19.42 -2.24 -26.73
C ASN A 602 -20.25 -3.45 -27.11
N LYS A 603 -20.95 -4.06 -26.15
CA LYS A 603 -21.63 -5.34 -26.36
C LYS A 603 -23.15 -5.12 -26.25
N VAL A 604 -23.86 -5.30 -27.36
CA VAL A 604 -25.31 -5.08 -27.40
C VAL A 604 -25.98 -6.40 -27.76
N LEU A 605 -27.25 -6.52 -27.37
CA LEU A 605 -28.04 -7.72 -27.60
C LEU A 605 -29.05 -7.46 -28.70
N VAL A 606 -29.03 -8.31 -29.73
CA VAL A 606 -29.86 -8.11 -30.92
C VAL A 606 -30.43 -9.45 -31.37
N LEU A 607 -31.45 -9.38 -32.22
CA LEU A 607 -31.99 -10.59 -32.82
C LEU A 607 -31.01 -11.12 -33.86
N GLY A 608 -31.04 -12.44 -34.06
CA GLY A 608 -30.21 -13.04 -35.08
C GLY A 608 -30.46 -12.48 -36.47
N SER A 609 -31.71 -12.11 -36.76
CA SER A 609 -32.10 -11.71 -38.11
C SER A 609 -31.40 -10.45 -38.58
N GLU A 610 -30.92 -9.60 -37.67
CA GLU A 610 -30.37 -8.31 -38.05
CA GLU A 610 -30.37 -8.31 -38.06
C GLU A 610 -28.86 -8.25 -38.03
N ASN A 611 -28.20 -9.14 -37.30
CA ASN A 611 -26.74 -9.12 -37.28
C ASN A 611 -26.13 -9.75 -38.53
N GLN A 612 -26.93 -10.47 -39.33
CA GLN A 612 -26.39 -11.03 -40.57
C GLN A 612 -26.05 -9.95 -41.58
N ASN A 613 -26.80 -8.83 -41.57
CA ASN A 613 -26.58 -7.76 -42.54
C ASN A 613 -25.52 -6.77 -42.11
N LYS A 614 -25.14 -6.78 -40.83
CA LYS A 614 -24.31 -5.70 -40.30
C LYS A 614 -22.87 -5.80 -40.80
N GLY A 615 -22.32 -7.02 -40.83
CA GLY A 615 -20.93 -7.16 -41.27
C GLY A 615 -19.97 -6.58 -40.25
N ASN A 616 -19.00 -5.81 -40.74
CA ASN A 616 -18.01 -5.15 -39.89
C ASN A 616 -18.27 -3.65 -39.78
N GLN A 617 -19.54 -3.27 -39.69
CA GLN A 617 -19.95 -1.88 -39.67
C GLN A 617 -20.15 -1.40 -38.24
N THR A 618 -19.74 -0.16 -37.97
CA THR A 618 -20.13 0.49 -36.74
C THR A 618 -21.58 0.95 -36.86
N PRO A 619 -22.28 1.11 -35.74
CA PRO A 619 -23.67 1.59 -35.82
C PRO A 619 -23.80 2.92 -36.52
N TYR A 620 -22.81 3.80 -36.37
CA TYR A 620 -22.78 5.06 -37.09
C TYR A 620 -22.90 4.83 -38.59
N GLU A 621 -21.99 4.05 -39.16
CA GLU A 621 -21.98 3.82 -40.59
C GLU A 621 -23.17 2.97 -41.02
N TYR A 622 -23.46 1.90 -40.29
CA TYR A 622 -24.53 0.99 -40.67
C TYR A 622 -25.89 1.69 -40.66
N PHE A 623 -26.14 2.53 -39.66
CA PHE A 623 -27.39 3.25 -39.56
C PHE A 623 -27.32 4.63 -40.20
N ASN A 624 -26.25 4.94 -40.93
CA ASN A 624 -26.14 6.16 -41.74
C ASN A 624 -26.25 7.42 -40.89
N GLY A 625 -25.37 7.51 -39.89
CA GLY A 625 -25.31 8.69 -39.06
C GLY A 625 -24.84 9.93 -39.79
N LYS A 626 -24.13 9.77 -40.91
CA LYS A 626 -23.66 10.92 -41.66
C LYS A 626 -24.79 11.62 -42.39
N ASP A 627 -25.86 10.89 -42.73
CA ASP A 627 -26.96 11.43 -43.52
C ASP A 627 -28.18 11.79 -42.68
N ASN A 628 -28.04 11.83 -41.35
CA ASN A 628 -29.13 12.21 -40.44
C ASN A 628 -30.39 11.40 -40.71
N SER A 629 -30.21 10.14 -41.11
CA SER A 629 -31.32 9.31 -41.53
C SER A 629 -32.28 9.04 -40.38
N ARG A 630 -33.55 8.76 -40.74
CA ARG A 630 -34.55 8.46 -39.72
C ARG A 630 -34.21 7.20 -38.95
N GLU A 631 -33.62 6.22 -39.63
CA GLU A 631 -33.10 5.04 -38.94
C GLU A 631 -32.00 5.41 -37.96
N TRP A 632 -31.13 6.36 -38.33
CA TRP A 632 -30.06 6.78 -37.42
C TRP A 632 -30.62 7.45 -36.18
N GLN A 633 -31.49 8.45 -36.36
CA GLN A 633 -32.06 9.14 -35.21
C GLN A 633 -32.88 8.18 -34.34
N GLU A 634 -33.58 7.24 -34.97
CA GLU A 634 -34.34 6.25 -34.23
C GLU A 634 -33.42 5.39 -33.36
N PHE A 635 -32.30 4.93 -33.93
CA PHE A 635 -31.39 4.10 -33.17
C PHE A 635 -30.67 4.89 -32.07
N LYS A 636 -30.30 6.14 -32.38
CA LYS A 636 -29.63 6.98 -31.39
C LYS A 636 -30.56 7.26 -30.21
N ALA A 637 -31.85 7.46 -30.48
CA ALA A 637 -32.81 7.59 -29.39
C ALA A 637 -33.04 6.25 -28.69
N ARG A 638 -32.91 5.14 -29.42
CA ARG A 638 -33.10 3.83 -28.82
C ARG A 638 -32.00 3.48 -27.83
N VAL A 639 -30.78 3.97 -28.06
CA VAL A 639 -29.72 3.71 -27.09
C VAL A 639 -29.81 4.68 -25.91
N GLU A 640 -30.15 5.95 -26.18
CA GLU A 640 -30.23 6.94 -25.11
C GLU A 640 -31.41 6.69 -24.18
N THR A 641 -32.30 5.75 -24.53
CA THR A 641 -33.41 5.38 -23.68
C THR A 641 -33.27 3.96 -23.14
N SER A 642 -32.05 3.45 -23.08
CA SER A 642 -31.77 2.13 -22.53
C SER A 642 -31.08 2.27 -21.20
N ARG A 643 -31.17 1.25 -20.39
CA ARG A 643 -30.57 1.31 -19.11
C ARG A 643 -29.12 1.18 -19.24
N PHE A 644 -28.52 2.02 -20.04
CA PHE A 644 -27.11 1.93 -20.19
C PHE A 644 -26.45 3.06 -19.47
N PRO A 645 -25.20 2.91 -19.19
CA PRO A 645 -24.32 3.89 -18.61
C PRO A 645 -23.96 4.97 -19.60
N ARG A 646 -23.62 6.18 -19.25
CA ARG A 646 -23.27 7.12 -20.26
C ARG A 646 -22.04 6.71 -21.01
N SER A 647 -21.14 5.98 -20.40
CA SER A 647 -19.97 5.55 -21.15
C SER A 647 -20.36 4.59 -22.28
N LYS A 648 -21.28 3.66 -21.99
CA LYS A 648 -21.71 2.70 -23.01
C LYS A 648 -22.47 3.39 -24.14
N LYS A 649 -23.45 4.22 -23.78
CA LYS A 649 -24.19 4.98 -24.80
C LYS A 649 -23.24 5.85 -25.62
N GLN A 650 -22.22 6.40 -24.99
CA GLN A 650 -21.25 7.23 -25.69
C GLN A 650 -20.43 6.40 -26.67
N ARG A 651 -20.01 5.21 -26.26
CA ARG A 651 -19.18 4.37 -27.13
C ARG A 651 -19.98 3.85 -28.32
N ILE A 652 -21.22 3.42 -28.09
CA ILE A 652 -22.02 2.79 -29.14
C ILE A 652 -22.20 3.69 -30.36
N LEU A 653 -22.00 5.00 -30.21
CA LEU A 653 -22.24 5.97 -31.29
C LEU A 653 -21.03 6.87 -31.53
N LEU A 654 -19.83 6.30 -31.65
CA LEU A 654 -18.60 7.09 -31.54
C LEU A 654 -18.46 8.11 -32.68
N GLN A 655 -18.65 7.66 -33.92
CA GLN A 655 -18.72 8.41 -35.18
C GLN A 655 -17.42 8.98 -35.72
N LYS A 656 -16.45 9.27 -34.86
CA LYS A 656 -15.32 10.10 -35.32
C LYS A 656 -14.05 9.79 -34.53
N PHE A 657 -13.93 8.57 -34.03
CA PHE A 657 -12.79 8.25 -33.19
C PHE A 657 -11.55 8.02 -34.04
N ASP A 658 -10.41 7.91 -33.36
CA ASP A 658 -9.15 7.59 -34.02
C ASP A 658 -9.08 6.08 -34.16
N GLU A 659 -9.41 5.57 -35.35
CA GLU A 659 -9.44 4.13 -35.59
C GLU A 659 -8.17 3.44 -35.10
N ASP A 660 -7.02 4.04 -35.38
CA ASP A 660 -5.75 3.43 -35.00
C ASP A 660 -5.38 3.75 -33.55
N GLY A 661 -5.56 5.01 -33.13
CA GLY A 661 -5.23 5.37 -31.77
C GLY A 661 -6.11 4.68 -30.74
N PHE A 662 -7.39 4.52 -31.05
CA PHE A 662 -8.31 3.84 -30.15
C PHE A 662 -7.88 2.40 -29.91
N LYS A 663 -7.53 1.68 -30.98
CA LYS A 663 -7.09 0.30 -30.82
C LYS A 663 -5.68 0.21 -30.27
N GLU A 664 -4.85 1.25 -30.44
CA GLU A 664 -3.57 1.28 -29.76
C GLU A 664 -3.76 1.36 -28.25
N ARG A 665 -4.66 2.22 -27.81
CA ARG A 665 -4.92 2.35 -26.38
C ARG A 665 -5.67 1.14 -25.83
N ASN A 666 -6.47 0.47 -26.66
CA ASN A 666 -7.11 -0.77 -26.23
C ASN A 666 -6.11 -1.92 -26.15
N LEU A 667 -5.10 -1.94 -27.02
CA LEU A 667 -4.13 -3.02 -27.02
C LEU A 667 -3.06 -2.84 -25.95
N ASN A 668 -2.71 -1.60 -25.62
CA ASN A 668 -1.64 -1.32 -24.68
C ASN A 668 -2.19 -0.94 -23.31
N ASP A 669 -1.29 -0.91 -22.33
CA ASP A 669 -1.59 -0.48 -20.98
C ASP A 669 -0.73 0.74 -20.67
N THR A 670 -1.37 1.85 -20.31
CA THR A 670 -0.70 3.14 -20.25
C THR A 670 -0.59 3.68 -18.83
N ARG A 671 -0.70 2.83 -17.81
CA ARG A 671 -0.48 3.28 -16.45
C ARG A 671 0.98 3.72 -16.28
N TYR A 672 1.24 4.42 -15.18
CA TYR A 672 2.58 4.97 -14.98
C TYR A 672 3.63 3.87 -14.86
N VAL A 673 3.30 2.78 -14.17
CA VAL A 673 4.24 1.67 -14.05
C VAL A 673 4.63 1.16 -15.43
N ASN A 674 3.65 1.01 -16.32
CA ASN A 674 3.92 0.44 -17.65
C ASN A 674 4.60 1.44 -18.56
N ARG A 675 4.25 2.72 -18.46
CA ARG A 675 4.96 3.73 -19.24
C ARG A 675 6.41 3.80 -18.81
N PHE A 676 6.66 3.81 -17.51
CA PHE A 676 8.02 3.85 -17.00
C PHE A 676 8.80 2.62 -17.45
N LEU A 677 8.18 1.43 -17.39
CA LEU A 677 8.89 0.23 -17.83
C LEU A 677 9.19 0.28 -19.33
N CYS A 678 8.18 0.61 -20.14
CA CYS A 678 8.36 0.63 -21.59
C CYS A 678 9.40 1.66 -22.01
N GLN A 679 9.59 2.72 -21.23
CA GLN A 679 10.62 3.69 -21.56
C GLN A 679 11.99 3.24 -21.03
N PHE A 680 12.04 2.87 -19.76
CA PHE A 680 13.30 2.59 -19.08
C PHE A 680 13.97 1.34 -19.65
N VAL A 681 13.21 0.25 -19.79
CA VAL A 681 13.78 -0.98 -20.34
C VAL A 681 14.24 -0.75 -21.78
N ALA A 682 13.42 -0.05 -22.58
CA ALA A 682 13.77 0.15 -23.98
C ALA A 682 15.03 0.99 -24.13
N ASP A 683 15.12 2.03 -23.37
CA ASP A 683 16.27 2.88 -23.39
C ASP A 683 17.53 2.35 -22.82
N ARG A 684 17.43 1.65 -21.72
CA ARG A 684 18.58 1.22 -21.04
C ARG A 684 19.08 -0.19 -21.19
N MET A 685 18.43 -1.02 -21.97
CA MET A 685 18.79 -2.42 -22.12
C MET A 685 18.76 -2.79 -23.55
N ARG A 686 19.56 -3.74 -23.94
CA ARG A 686 19.62 -4.10 -25.31
C ARG A 686 18.69 -5.13 -25.68
N LEU A 687 17.88 -4.82 -26.64
CA LEU A 687 16.99 -5.77 -27.14
C LEU A 687 17.35 -5.81 -28.57
N THR A 688 17.50 -7.01 -29.13
CA THR A 688 17.81 -7.31 -30.52
C THR A 688 16.51 -7.48 -31.25
N GLY A 689 15.72 -6.43 -31.20
CA GLY A 689 14.37 -6.35 -31.60
C GLY A 689 14.31 -5.33 -32.62
N LYS A 690 13.31 -5.48 -33.43
CA LYS A 690 13.24 -4.78 -34.65
C LYS A 690 13.39 -3.31 -34.63
N GLY A 691 12.74 -2.55 -33.78
CA GLY A 691 13.02 -1.15 -33.81
C GLY A 691 12.19 -0.16 -33.06
N LYS A 692 10.89 -0.36 -33.03
CA LYS A 692 10.09 0.68 -32.45
C LYS A 692 9.67 0.52 -31.04
N LYS A 693 8.68 -0.31 -30.80
CA LYS A 693 8.27 -0.52 -29.47
C LYS A 693 8.78 -1.86 -29.22
N ARG A 694 9.90 -1.90 -28.55
CA ARG A 694 10.59 -3.11 -28.23
C ARG A 694 10.07 -3.67 -26.93
N VAL A 695 9.47 -2.82 -26.12
CA VAL A 695 8.76 -3.16 -24.91
C VAL A 695 7.26 -2.95 -25.16
N PHE A 696 6.45 -3.91 -24.74
CA PHE A 696 5.02 -3.90 -24.99
C PHE A 696 4.30 -4.26 -23.71
N ALA A 697 3.48 -3.35 -23.20
CA ALA A 697 2.70 -3.57 -21.99
C ALA A 697 1.29 -3.94 -22.40
N SER A 698 0.97 -5.23 -22.36
CA SER A 698 -0.32 -5.71 -22.82
C SER A 698 -1.45 -5.16 -21.97
N ASN A 699 -2.58 -4.91 -22.62
CA ASN A 699 -3.77 -4.47 -21.91
C ASN A 699 -4.44 -5.65 -21.24
N GLY A 700 -4.77 -5.50 -19.95
CA GLY A 700 -5.29 -6.63 -19.19
C GLY A 700 -6.55 -7.23 -19.79
N GLN A 701 -7.39 -6.39 -20.40
CA GLN A 701 -8.61 -6.90 -21.02
C GLN A 701 -8.29 -7.89 -22.14
N ILE A 702 -7.38 -7.51 -23.03
CA ILE A 702 -7.04 -8.40 -24.13
C ILE A 702 -6.18 -9.57 -23.66
N THR A 703 -5.39 -9.39 -22.60
CA THR A 703 -4.69 -10.54 -22.02
C THR A 703 -5.69 -11.58 -21.54
N ASN A 704 -6.73 -11.14 -20.83
CA ASN A 704 -7.80 -12.05 -20.41
C ASN A 704 -8.47 -12.70 -21.62
N LEU A 705 -8.78 -11.91 -22.64
CA LEU A 705 -9.47 -12.44 -23.83
C LEU A 705 -8.63 -13.51 -24.53
N LEU A 706 -7.35 -13.20 -24.77
CA LEU A 706 -6.45 -14.13 -25.43
C LEU A 706 -6.25 -15.39 -24.60
N ARG A 707 -6.15 -15.24 -23.27
CA ARG A 707 -6.04 -16.42 -22.41
C ARG A 707 -7.27 -17.30 -22.54
N GLY A 708 -8.46 -16.70 -22.53
CA GLY A 708 -9.68 -17.47 -22.66
C GLY A 708 -9.76 -18.19 -24.01
N PHE A 709 -9.45 -17.48 -25.09
CA PHE A 709 -9.59 -18.08 -26.42
C PHE A 709 -8.54 -19.14 -26.67
N TRP A 710 -7.31 -18.93 -26.17
CA TRP A 710 -6.23 -19.89 -26.33
C TRP A 710 -6.35 -21.07 -25.38
N GLY A 711 -7.44 -21.15 -24.61
CA GLY A 711 -7.74 -22.34 -23.83
C GLY A 711 -6.95 -22.50 -22.55
N LEU A 712 -6.60 -21.40 -21.90
CA LEU A 712 -5.69 -21.45 -20.76
C LEU A 712 -6.30 -21.01 -19.43
N ARG A 713 -7.49 -20.41 -19.42
CA ARG A 713 -8.06 -19.76 -18.25
C ARG A 713 -7.80 -20.54 -16.96
N LYS A 714 -7.13 -19.90 -16.00
CA LYS A 714 -6.53 -20.56 -14.86
C LYS A 714 -7.52 -20.76 -13.71
N VAL A 715 -7.04 -21.40 -12.64
CA VAL A 715 -7.91 -22.02 -11.64
C VAL A 715 -7.78 -21.31 -10.29
N ARG A 716 -7.45 -20.02 -10.33
CA ARG A 716 -7.71 -19.10 -9.23
C ARG A 716 -6.96 -19.47 -7.94
N ALA A 717 -5.64 -19.40 -8.04
CA ALA A 717 -4.74 -19.30 -6.89
C ALA A 717 -4.85 -20.50 -5.95
N GLU A 718 -4.77 -21.68 -6.54
CA GLU A 718 -4.56 -22.91 -5.79
C GLU A 718 -3.13 -23.40 -5.95
N ASN A 719 -2.27 -22.58 -6.56
CA ASN A 719 -0.92 -22.94 -6.95
C ASN A 719 -0.17 -21.66 -7.32
N ASP A 720 1.07 -21.52 -6.85
CA ASP A 720 1.81 -20.31 -7.17
C ASP A 720 2.28 -20.27 -8.63
N ARG A 721 2.03 -21.33 -9.40
CA ARG A 721 2.52 -21.41 -10.77
C ARG A 721 1.61 -20.76 -11.79
N HIS A 722 0.36 -20.45 -11.42
N HIS A 722 0.35 -20.46 -11.41
CA HIS A 722 -0.54 -19.79 -12.35
CA HIS A 722 -0.56 -19.77 -12.31
C HIS A 722 0.03 -18.46 -12.83
C HIS A 722 0.03 -18.46 -12.82
N HIS A 723 0.91 -17.84 -12.03
CA HIS A 723 1.54 -16.59 -12.45
C HIS A 723 2.30 -16.74 -13.76
N ALA A 724 2.82 -17.93 -14.04
CA ALA A 724 3.52 -18.14 -15.31
C ALA A 724 2.57 -18.02 -16.50
N LEU A 725 1.31 -18.44 -16.33
CA LEU A 725 0.42 -18.63 -17.47
C LEU A 725 0.30 -17.36 -18.31
N ASP A 726 -0.12 -16.25 -17.68
CA ASP A 726 -0.28 -15.02 -18.44
C ASP A 726 1.04 -14.56 -19.05
N ALA A 727 2.17 -14.84 -18.40
CA ALA A 727 3.46 -14.48 -18.97
C ALA A 727 3.67 -15.17 -20.32
N VAL A 728 3.16 -16.39 -20.47
CA VAL A 728 3.16 -17.03 -21.79
C VAL A 728 2.27 -16.26 -22.75
N VAL A 729 1.05 -15.94 -22.31
CA VAL A 729 0.06 -15.29 -23.17
C VAL A 729 0.64 -14.00 -23.74
N VAL A 730 1.05 -13.09 -22.86
CA VAL A 730 1.60 -11.81 -23.30
C VAL A 730 2.80 -12.00 -24.22
N ALA A 731 3.52 -13.11 -24.09
CA ALA A 731 4.69 -13.34 -24.93
C ALA A 731 4.33 -13.81 -26.33
N CYS A 732 3.16 -14.41 -26.51
CA CYS A 732 2.67 -14.77 -27.83
C CYS A 732 1.86 -13.65 -28.48
N SER A 733 1.57 -12.57 -27.73
CA SER A 733 0.83 -11.43 -28.26
C SER A 733 1.79 -10.54 -29.05
N THR A 734 2.28 -11.08 -30.16
CA THR A 734 3.08 -10.33 -31.11
C THR A 734 2.18 -9.81 -32.23
N VAL A 735 2.63 -8.74 -32.88
CA VAL A 735 1.77 -8.05 -33.84
C VAL A 735 1.42 -8.95 -35.02
N ALA A 736 2.31 -9.88 -35.38
CA ALA A 736 1.96 -10.87 -36.41
C ALA A 736 0.76 -11.71 -35.95
N MET A 737 0.81 -12.24 -34.73
CA MET A 737 -0.33 -12.94 -34.16
C MET A 737 -1.54 -12.03 -34.07
N GLN A 738 -1.31 -10.75 -33.72
CA GLN A 738 -2.40 -9.78 -33.70
C GLN A 738 -3.03 -9.63 -35.07
N GLN A 739 -2.22 -9.59 -36.13
CA GLN A 739 -2.76 -9.46 -37.48
C GLN A 739 -3.59 -10.69 -37.85
N LYS A 740 -3.09 -11.88 -37.54
CA LYS A 740 -3.85 -13.10 -37.79
C LYS A 740 -5.22 -13.03 -37.10
N ILE A 741 -5.23 -12.63 -35.82
CA ILE A 741 -6.48 -12.56 -35.07
C ILE A 741 -7.40 -11.48 -35.65
N THR A 742 -6.84 -10.33 -36.02
CA THR A 742 -7.65 -9.26 -36.59
C THR A 742 -8.40 -9.73 -37.83
N ARG A 743 -7.66 -10.28 -38.79
CA ARG A 743 -8.29 -10.72 -40.02
C ARG A 743 -9.26 -11.87 -39.78
N PHE A 744 -8.97 -12.74 -38.79
CA PHE A 744 -9.94 -13.75 -38.42
C PHE A 744 -11.26 -13.13 -37.97
N VAL A 745 -11.19 -12.20 -37.02
CA VAL A 745 -12.41 -11.58 -36.50
C VAL A 745 -13.16 -10.87 -37.62
N ARG A 746 -12.43 -10.25 -38.55
CA ARG A 746 -13.09 -9.56 -39.64
C ARG A 746 -13.84 -10.56 -40.53
N TYR A 747 -13.19 -11.67 -40.89
CA TYR A 747 -13.87 -12.71 -41.64
C TYR A 747 -15.11 -13.20 -40.91
N LYS A 748 -15.06 -13.23 -39.58
CA LYS A 748 -16.23 -13.65 -38.81
C LYS A 748 -17.33 -12.60 -38.86
N GLU A 749 -16.96 -11.34 -38.92
CA GLU A 749 -17.94 -10.26 -38.84
C GLU A 749 -18.93 -10.32 -39.95
N MET A 750 -18.47 -10.52 -41.18
CA MET A 750 -19.26 -10.66 -42.41
C MET A 750 -19.11 -12.09 -42.55
N ASN A 751 -20.16 -12.86 -42.48
CA ASN A 751 -20.05 -14.31 -42.30
C ASN A 751 -18.88 -15.08 -42.85
N ALA A 752 -18.79 -15.30 -44.13
CA ALA A 752 -17.62 -15.91 -44.71
C ALA A 752 -17.13 -17.17 -44.12
N PHE A 753 -17.99 -18.06 -43.71
CA PHE A 753 -17.55 -19.31 -43.16
C PHE A 753 -18.49 -20.35 -43.70
N ASP A 754 -18.35 -20.68 -44.98
CA ASP A 754 -19.14 -21.76 -45.53
C ASP A 754 -18.38 -22.80 -46.34
N GLY A 755 -17.92 -22.36 -47.51
CA GLY A 755 -17.20 -23.14 -48.48
C GLY A 755 -16.31 -22.21 -49.28
N LYS A 756 -16.09 -21.02 -48.74
CA LYS A 756 -15.45 -19.93 -49.49
C LYS A 756 -13.96 -20.19 -49.57
N THR A 757 -13.22 -19.16 -50.01
CA THR A 757 -11.77 -19.16 -50.00
C THR A 757 -11.29 -18.04 -49.10
N ILE A 758 -10.23 -18.32 -48.34
CA ILE A 758 -9.49 -17.26 -47.68
C ILE A 758 -8.70 -16.54 -48.77
N ASP A 759 -9.25 -15.43 -49.26
CA ASP A 759 -8.69 -14.72 -50.41
C ASP A 759 -7.20 -14.50 -50.25
N LYS A 760 -6.76 -14.14 -49.05
CA LYS A 760 -5.39 -13.72 -48.80
C LYS A 760 -4.57 -14.86 -48.21
N GLU A 761 -3.77 -15.50 -49.06
CA GLU A 761 -2.56 -16.24 -48.68
C GLU A 761 -2.71 -17.57 -47.95
N THR A 762 -3.91 -17.88 -47.48
CA THR A 762 -4.16 -19.20 -46.93
C THR A 762 -4.94 -20.10 -47.90
N GLY A 763 -5.74 -19.47 -48.76
CA GLY A 763 -6.53 -20.16 -49.75
C GLY A 763 -7.18 -21.37 -49.13
N GLU A 764 -7.84 -21.19 -48.00
CA GLU A 764 -8.30 -22.29 -47.17
C GLU A 764 -9.80 -22.27 -47.03
N VAL A 765 -10.34 -23.46 -46.76
CA VAL A 765 -11.77 -23.63 -46.52
C VAL A 765 -12.17 -22.74 -45.36
N LEU A 766 -13.09 -21.81 -45.60
CA LEU A 766 -13.72 -21.07 -44.52
C LEU A 766 -14.80 -21.98 -43.93
N HIS A 767 -14.32 -23.01 -43.23
CA HIS A 767 -15.21 -24.02 -42.67
C HIS A 767 -16.15 -23.40 -41.66
N GLN A 768 -17.26 -24.10 -41.40
CA GLN A 768 -18.23 -23.60 -40.43
C GLN A 768 -17.59 -23.45 -39.06
N LYS A 769 -16.68 -24.35 -38.71
CA LYS A 769 -15.85 -24.24 -37.53
C LYS A 769 -14.43 -23.92 -37.99
N THR A 770 -14.07 -22.66 -37.82
CA THR A 770 -12.72 -22.19 -38.07
C THR A 770 -12.27 -21.48 -36.80
N HIS A 771 -12.11 -22.18 -35.70
CA HIS A 771 -11.81 -21.48 -34.47
C HIS A 771 -10.59 -20.62 -34.40
N PHE A 772 -10.71 -19.63 -33.52
CA PHE A 772 -9.76 -18.58 -33.21
C PHE A 772 -8.36 -19.00 -33.35
N PRO A 773 -7.59 -18.28 -34.13
CA PRO A 773 -6.20 -18.47 -34.41
C PRO A 773 -5.45 -18.67 -33.15
N GLN A 774 -4.67 -19.72 -33.05
CA GLN A 774 -3.92 -20.00 -31.87
C GLN A 774 -2.48 -19.79 -32.10
N PRO A 775 -1.71 -19.67 -31.04
CA PRO A 775 -0.26 -19.52 -31.31
C PRO A 775 0.31 -20.71 -32.06
N TRP A 776 -0.10 -21.92 -31.69
CA TRP A 776 0.20 -23.13 -32.43
C TRP A 776 -0.78 -24.19 -31.98
N GLU A 777 -0.94 -25.24 -32.79
CA GLU A 777 -1.88 -26.28 -32.46
C GLU A 777 -1.45 -27.00 -31.18
N PHE A 778 -2.43 -27.34 -30.34
CA PHE A 778 -2.20 -27.90 -29.00
C PHE A 778 -1.43 -26.93 -28.11
N PHE A 779 -1.65 -25.63 -28.28
CA PHE A 779 -0.99 -24.64 -27.44
C PHE A 779 -1.40 -24.81 -25.98
N ALA A 780 -2.66 -24.96 -25.72
CA ALA A 780 -3.09 -25.06 -24.40
C ALA A 780 -2.55 -26.21 -23.67
N GLN A 781 -2.55 -27.39 -24.25
CA GLN A 781 -2.07 -28.55 -23.58
C GLN A 781 -0.64 -28.50 -23.27
N GLU A 782 0.15 -28.02 -24.20
CA GLU A 782 1.56 -27.93 -23.97
C GLU A 782 1.82 -26.99 -22.85
N VAL A 783 1.16 -25.86 -22.84
CA VAL A 783 1.37 -24.91 -21.81
C VAL A 783 0.97 -25.44 -20.49
N MET A 784 -0.12 -26.14 -20.41
CA MET A 784 -0.53 -26.68 -19.15
C MET A 784 0.45 -27.66 -18.66
N ILE A 785 0.96 -28.55 -19.50
CA ILE A 785 1.95 -29.49 -19.05
C ILE A 785 3.19 -28.80 -18.64
N ARG A 786 3.61 -27.80 -19.38
CA ARG A 786 4.79 -27.10 -19.01
C ARG A 786 4.67 -26.36 -17.71
N VAL A 787 3.56 -25.70 -17.49
CA VAL A 787 3.36 -25.03 -16.22
C VAL A 787 3.04 -25.84 -14.99
N PHE A 788 2.15 -26.79 -15.08
CA PHE A 788 1.71 -27.57 -13.93
C PHE A 788 2.24 -28.99 -13.91
N GLY A 789 2.85 -29.46 -15.00
CA GLY A 789 3.27 -30.84 -15.05
C GLY A 789 2.14 -31.85 -15.08
N LYS A 790 0.97 -31.44 -15.55
CA LYS A 790 -0.22 -32.28 -15.59
C LYS A 790 -1.03 -31.91 -16.82
N PRO A 791 -1.67 -32.89 -17.48
CA PRO A 791 -2.65 -32.54 -18.51
C PRO A 791 -3.80 -31.75 -17.91
N ASP A 792 -4.20 -30.68 -18.60
CA ASP A 792 -5.22 -29.81 -18.05
C ASP A 792 -6.52 -30.60 -17.88
N GLY A 793 -7.32 -30.21 -16.87
CA GLY A 793 -8.55 -30.90 -16.52
C GLY A 793 -8.37 -32.04 -15.57
N LYS A 794 -7.12 -32.28 -15.28
CA LYS A 794 -6.77 -33.35 -14.43
C LYS A 794 -5.70 -33.05 -13.46
N PRO A 795 -6.08 -32.31 -12.46
CA PRO A 795 -5.51 -31.78 -11.25
C PRO A 795 -5.18 -32.93 -10.36
N GLU A 796 -5.96 -33.96 -10.52
CA GLU A 796 -5.93 -35.17 -9.77
C GLU A 796 -4.74 -36.02 -10.00
N PHE A 797 -4.05 -35.73 -11.08
CA PHE A 797 -2.89 -36.44 -11.54
C PHE A 797 -1.67 -36.14 -10.79
N GLU A 798 -0.66 -36.91 -11.06
CA GLU A 798 0.64 -36.84 -10.47
C GLU A 798 1.56 -36.06 -11.34
N GLU A 799 2.33 -35.17 -10.76
CA GLU A 799 3.17 -34.33 -11.53
C GLU A 799 4.39 -35.01 -12.02
N ALA A 800 4.77 -34.76 -13.25
CA ALA A 800 5.96 -35.29 -13.73
C ALA A 800 6.91 -34.26 -13.23
N ASP A 801 7.50 -34.54 -12.08
CA ASP A 801 8.39 -33.63 -11.38
C ASP A 801 9.85 -33.77 -11.78
N THR A 802 10.17 -34.63 -12.75
CA THR A 802 11.52 -34.80 -13.23
C THR A 802 11.56 -34.56 -14.74
N LEU A 803 12.72 -34.29 -15.30
CA LEU A 803 12.80 -34.00 -16.71
C LEU A 803 12.35 -35.14 -17.47
N GLU A 804 12.73 -36.28 -17.02
CA GLU A 804 12.39 -37.45 -17.72
C GLU A 804 10.91 -37.63 -17.81
N LYS A 805 10.20 -37.51 -16.73
CA LYS A 805 8.79 -37.70 -16.79
C LYS A 805 8.13 -36.65 -17.58
N LEU A 806 8.57 -35.44 -17.44
CA LEU A 806 7.96 -34.37 -18.16
C LEU A 806 8.13 -34.54 -19.61
N ARG A 807 9.30 -34.92 -20.06
CA ARG A 807 9.53 -35.12 -21.44
C ARG A 807 8.76 -36.26 -21.97
N THR A 808 8.63 -37.33 -21.23
CA THR A 808 7.87 -38.47 -21.71
C THR A 808 6.38 -38.16 -21.78
N LEU A 809 5.86 -37.38 -20.83
CA LEU A 809 4.47 -36.95 -20.87
C LEU A 809 4.20 -36.05 -22.07
N LEU A 810 5.11 -35.12 -22.34
CA LEU A 810 4.94 -34.23 -23.48
C LEU A 810 4.98 -35.01 -24.79
N ALA A 811 5.87 -36.01 -24.89
CA ALA A 811 5.94 -36.80 -26.11
C ALA A 811 4.79 -37.79 -26.24
N GLU A 812 4.16 -38.17 -25.12
CA GLU A 812 3.02 -39.07 -25.19
C GLU A 812 1.73 -38.34 -25.55
N LYS A 813 1.39 -37.29 -24.81
CA LYS A 813 0.13 -36.60 -25.02
C LYS A 813 0.23 -35.47 -26.04
N LEU A 814 1.41 -35.26 -26.64
CA LEU A 814 1.57 -34.31 -27.74
C LEU A 814 2.45 -34.94 -28.81
N SER A 815 2.16 -36.21 -29.14
CA SER A 815 2.97 -36.92 -30.13
C SER A 815 3.01 -36.21 -31.47
N SER A 816 1.94 -35.49 -31.82
CA SER A 816 1.90 -34.79 -33.10
C SER A 816 2.92 -33.66 -33.15
N ARG A 817 3.26 -33.05 -32.00
CA ARG A 817 4.12 -31.88 -31.98
C ARG A 817 5.47 -32.20 -31.35
N PRO A 818 6.55 -32.32 -32.14
CA PRO A 818 7.86 -32.66 -31.58
C PRO A 818 8.67 -31.47 -31.06
N GLU A 819 8.27 -30.22 -31.35
CA GLU A 819 8.93 -29.05 -30.77
C GLU A 819 8.47 -28.76 -29.36
N ALA A 820 7.60 -29.57 -28.80
CA ALA A 820 7.23 -29.50 -27.40
C ALA A 820 8.22 -30.22 -26.49
N VAL A 821 9.23 -30.85 -27.06
CA VAL A 821 10.32 -31.48 -26.32
C VAL A 821 11.63 -31.02 -26.93
N HIS A 822 12.50 -30.44 -26.09
CA HIS A 822 13.82 -30.00 -26.53
C HIS A 822 14.71 -29.86 -25.30
N GLU A 823 15.92 -29.32 -25.51
CA GLU A 823 16.96 -29.33 -24.49
C GLU A 823 16.74 -28.30 -23.39
N TYR A 824 15.63 -27.58 -23.38
CA TYR A 824 15.34 -26.61 -22.32
C TYR A 824 14.11 -26.97 -21.51
N VAL A 825 13.40 -28.04 -21.86
CA VAL A 825 12.16 -28.42 -21.18
C VAL A 825 12.53 -29.05 -19.84
N THR A 826 12.31 -28.33 -18.76
CA THR A 826 12.50 -28.83 -17.40
C THR A 826 11.28 -28.48 -16.56
N PRO A 827 11.01 -29.27 -15.52
CA PRO A 827 9.86 -28.96 -14.64
C PRO A 827 9.98 -27.58 -14.03
N LEU A 828 8.83 -26.93 -13.87
CA LEU A 828 8.79 -25.59 -13.28
C LEU A 828 9.01 -25.68 -11.77
N PHE A 829 9.94 -24.89 -11.27
CA PHE A 829 10.21 -24.80 -9.83
C PHE A 829 10.18 -23.33 -9.43
N VAL A 830 9.24 -22.98 -8.56
CA VAL A 830 9.09 -21.61 -8.11
C VAL A 830 10.31 -21.21 -7.29
N SER A 831 10.90 -20.07 -7.64
CA SER A 831 12.07 -19.52 -6.95
C SER A 831 11.60 -18.50 -5.93
N ARG A 832 12.02 -18.68 -4.68
CA ARG A 832 11.67 -17.77 -3.60
C ARG A 832 12.87 -16.90 -3.25
N ALA A 833 12.65 -15.59 -3.22
CA ALA A 833 13.70 -14.67 -2.84
C ALA A 833 14.21 -15.02 -1.45
N PRO A 834 15.52 -15.14 -1.26
CA PRO A 834 16.05 -15.48 0.07
C PRO A 834 15.89 -14.32 1.04
N ASN A 835 16.12 -14.63 2.31
CA ASN A 835 16.05 -13.60 3.36
C ASN A 835 17.07 -14.00 4.43
N ARG A 836 18.27 -13.45 4.33
CA ARG A 836 19.37 -13.80 5.22
C ARG A 836 19.82 -12.62 6.07
N LYS A 837 19.02 -11.55 6.12
CA LYS A 837 19.28 -10.43 7.01
C LYS A 837 19.43 -10.93 8.44
N MET A 838 20.53 -10.52 9.08
CA MET A 838 20.84 -10.97 10.43
C MET A 838 20.39 -9.99 11.51
N SER A 839 19.57 -9.00 11.15
CA SER A 839 19.11 -7.98 12.07
C SER A 839 17.59 -8.02 12.17
N GLY A 840 17.05 -7.11 12.97
CA GLY A 840 15.62 -7.00 13.14
C GLY A 840 15.24 -6.88 14.60
N GLN A 841 13.94 -6.98 14.84
CA GLN A 841 13.39 -6.90 16.19
C GLN A 841 14.11 -7.86 17.13
N GLY A 842 14.66 -7.32 18.22
CA GLY A 842 15.43 -8.14 19.13
C GLY A 842 14.60 -8.89 20.14
N HIS A 843 13.41 -8.39 20.46
CA HIS A 843 12.51 -9.02 21.40
C HIS A 843 11.13 -8.42 21.21
N MET A 844 10.12 -9.08 21.79
CA MET A 844 8.78 -8.55 21.68
C MET A 844 8.63 -7.32 22.56
N GLU A 845 7.52 -6.59 22.34
CA GLU A 845 7.44 -5.21 22.83
C GLU A 845 7.03 -5.13 24.29
N THR A 846 6.10 -5.97 24.74
CA THR A 846 5.63 -5.88 26.12
C THR A 846 6.65 -6.48 27.07
N VAL A 847 6.98 -5.75 28.13
CA VAL A 847 7.93 -6.18 29.15
C VAL A 847 7.15 -6.66 30.36
N LYS A 848 7.58 -7.80 30.93
CA LYS A 848 6.87 -8.44 32.02
C LYS A 848 7.81 -8.69 33.19
N SER A 849 7.23 -9.10 34.30
CA SER A 849 7.96 -9.27 35.55
C SER A 849 8.81 -10.54 35.52
N ALA A 850 10.08 -10.41 35.90
CA ALA A 850 11.01 -11.52 35.96
C ALA A 850 11.12 -12.11 37.36
N LYS A 851 10.18 -11.80 38.24
CA LYS A 851 10.27 -12.24 39.63
C LYS A 851 10.12 -13.75 39.74
N ARG A 852 8.96 -14.27 39.34
CA ARG A 852 8.69 -15.71 39.40
C ARG A 852 9.06 -16.38 38.09
N LEU A 853 10.35 -16.28 37.73
CA LEU A 853 10.86 -16.89 36.51
C LEU A 853 11.49 -18.26 36.73
N ASP A 854 11.80 -18.63 37.99
CA ASP A 854 12.19 -20.01 38.26
C ASP A 854 11.03 -20.95 38.01
N GLU A 855 9.87 -20.66 38.59
CA GLU A 855 8.62 -21.16 38.03
C GLU A 855 8.42 -20.52 36.66
N GLY A 856 7.90 -21.28 35.71
CA GLY A 856 7.78 -20.74 34.37
C GLY A 856 6.67 -19.70 34.28
N VAL A 857 6.86 -18.57 34.97
CA VAL A 857 5.81 -17.58 35.13
C VAL A 857 6.34 -16.17 34.90
N SER A 858 5.45 -15.30 34.41
CA SER A 858 5.73 -13.88 34.32
C SER A 858 4.41 -13.15 34.55
N VAL A 859 4.48 -12.03 35.26
CA VAL A 859 3.29 -11.29 35.64
C VAL A 859 3.26 -9.97 34.86
N LEU A 860 2.08 -9.62 34.36
CA LEU A 860 1.88 -8.38 33.63
C LEU A 860 0.60 -7.72 34.11
N ARG A 861 0.61 -6.39 34.17
CA ARG A 861 -0.57 -5.64 34.56
C ARG A 861 -1.52 -5.57 33.38
N VAL A 862 -2.73 -6.08 33.54
CA VAL A 862 -3.75 -6.11 32.50
C VAL A 862 -4.89 -5.19 32.91
N PRO A 863 -5.29 -4.24 32.07
CA PRO A 863 -6.48 -3.44 32.37
C PRO A 863 -7.73 -4.32 32.36
N LEU A 864 -8.79 -3.81 33.00
CA LEU A 864 -10.05 -4.53 32.99
C LEU A 864 -10.77 -4.40 31.66
N THR A 865 -10.53 -3.30 30.93
CA THR A 865 -11.13 -3.15 29.61
C THR A 865 -10.53 -4.10 28.58
N GLN A 866 -9.30 -4.58 28.82
CA GLN A 866 -8.68 -5.59 27.99
C GLN A 866 -9.03 -7.01 28.42
N LEU A 867 -9.35 -7.19 29.69
CA LEU A 867 -9.30 -8.49 30.35
C LEU A 867 -10.58 -9.27 30.12
N LYS A 868 -10.43 -10.43 29.50
CA LYS A 868 -11.50 -11.39 29.32
C LYS A 868 -11.21 -12.63 30.18
N LEU A 869 -12.20 -13.53 30.29
CA LEU A 869 -12.19 -14.59 31.32
C LEU A 869 -10.99 -15.51 31.22
N LYS A 870 -10.55 -15.82 30.00
CA LYS A 870 -9.33 -16.59 29.89
C LYS A 870 -8.20 -15.88 30.60
N ASP A 871 -8.07 -14.57 30.39
CA ASP A 871 -7.05 -13.80 31.10
C ASP A 871 -7.31 -13.84 32.60
N LEU A 872 -8.58 -13.69 33.01
CA LEU A 872 -8.92 -13.55 34.41
C LEU A 872 -8.64 -14.84 35.20
N GLU A 873 -8.66 -15.99 34.53
CA GLU A 873 -8.33 -17.24 35.21
C GLU A 873 -6.91 -17.23 35.76
N LYS A 874 -5.98 -16.54 35.10
CA LYS A 874 -4.60 -16.46 35.51
C LYS A 874 -4.33 -15.28 36.44
N MET A 875 -5.36 -14.63 36.95
CA MET A 875 -5.17 -13.52 37.87
C MET A 875 -4.40 -13.98 39.09
N VAL A 876 -3.38 -13.20 39.47
CA VAL A 876 -2.47 -13.62 40.54
C VAL A 876 -3.22 -13.85 41.83
N ASN A 877 -4.13 -12.95 42.18
CA ASN A 877 -4.89 -13.04 43.43
C ASN A 877 -6.24 -13.72 43.26
N ARG A 878 -6.32 -14.70 42.36
CA ARG A 878 -7.57 -15.41 42.14
C ARG A 878 -8.06 -16.10 43.41
N GLU A 879 -7.15 -16.66 44.20
CA GLU A 879 -7.51 -17.39 45.41
C GLU A 879 -7.31 -16.60 46.69
N ARG A 880 -6.65 -15.44 46.61
CA ARG A 880 -6.44 -14.56 47.74
C ARG A 880 -7.60 -13.66 47.88
N GLU A 881 -8.10 -13.12 46.80
CA GLU A 881 -9.24 -12.27 46.89
C GLU A 881 -10.31 -12.92 46.12
N PRO A 882 -11.00 -13.85 46.71
CA PRO A 882 -12.01 -14.61 45.95
C PRO A 882 -13.23 -13.79 45.58
N LYS A 883 -13.64 -12.86 46.44
CA LYS A 883 -14.78 -12.01 46.13
C LYS A 883 -14.51 -11.15 44.90
N LEU A 884 -13.30 -10.61 44.79
CA LEU A 884 -12.93 -9.84 43.61
C LEU A 884 -12.97 -10.70 42.36
N TYR A 885 -12.36 -11.89 42.43
CA TYR A 885 -12.34 -12.83 41.31
C TYR A 885 -13.76 -13.11 40.82
N GLU A 886 -14.65 -13.50 41.74
CA GLU A 886 -16.00 -13.90 41.34
C GLU A 886 -16.87 -12.71 40.93
N ALA A 887 -16.62 -11.53 41.51
CA ALA A 887 -17.36 -10.34 41.05
C ALA A 887 -16.99 -10.00 39.61
N LEU A 888 -15.69 -9.97 39.31
CA LEU A 888 -15.24 -9.75 37.93
C LEU A 888 -15.84 -10.80 37.00
N LYS A 889 -15.76 -12.07 37.42
CA LYS A 889 -16.29 -13.16 36.61
C LYS A 889 -17.77 -12.98 36.33
N ALA A 890 -18.54 -12.59 37.34
CA ALA A 890 -19.99 -12.43 37.17
C ALA A 890 -20.32 -11.29 36.23
N ARG A 891 -19.66 -10.13 36.41
CA ARG A 891 -19.95 -9.01 35.52
C ARG A 891 -19.60 -9.34 34.07
N LEU A 892 -18.43 -9.94 33.85
CA LEU A 892 -18.03 -10.30 32.49
C LEU A 892 -18.97 -11.33 31.89
N GLU A 893 -19.37 -12.35 32.67
CA GLU A 893 -20.34 -13.32 32.18
C GLU A 893 -21.68 -12.68 31.86
N ALA A 894 -22.03 -11.60 32.57
CA ALA A 894 -23.18 -10.81 32.18
C ALA A 894 -22.98 -10.19 30.80
N HIS A 895 -21.77 -9.66 30.55
CA HIS A 895 -21.52 -9.01 29.26
C HIS A 895 -20.85 -9.92 28.23
N LYS A 896 -20.68 -11.21 28.53
CA LYS A 896 -20.18 -12.21 27.58
C LYS A 896 -18.83 -11.81 26.97
N ASP A 897 -17.86 -11.57 27.84
CA ASP A 897 -16.46 -11.33 27.46
C ASP A 897 -16.33 -10.21 26.44
N ASP A 898 -17.14 -9.17 26.61
CA ASP A 898 -16.89 -7.92 25.91
C ASP A 898 -16.48 -6.91 26.97
N PRO A 899 -15.26 -7.02 27.50
CA PRO A 899 -14.89 -6.28 28.71
C PRO A 899 -14.95 -4.77 28.52
N ALA A 900 -14.83 -4.28 27.29
CA ALA A 900 -15.13 -2.88 27.02
C ALA A 900 -16.51 -2.52 27.55
N LYS A 901 -17.50 -3.39 27.33
CA LYS A 901 -18.82 -3.18 27.89
C LYS A 901 -18.86 -3.58 29.37
N ALA A 902 -18.11 -4.60 29.75
CA ALA A 902 -18.19 -5.11 31.12
C ALA A 902 -17.70 -4.09 32.13
N PHE A 903 -16.54 -3.47 31.88
CA PHE A 903 -15.91 -2.62 32.87
C PHE A 903 -15.81 -1.17 32.42
N ALA A 904 -16.81 -0.70 31.66
CA ALA A 904 -16.94 0.72 31.40
C ALA A 904 -17.22 1.47 32.70
N GLU A 905 -18.31 1.11 33.38
CA GLU A 905 -18.59 1.68 34.69
C GLU A 905 -17.50 1.24 35.67
N PRO A 906 -17.07 2.14 36.56
CA PRO A 906 -15.94 1.81 37.45
C PRO A 906 -16.21 0.58 38.30
N PHE A 907 -15.17 -0.24 38.47
CA PHE A 907 -15.18 -1.39 39.36
C PHE A 907 -14.47 -1.02 40.66
N TYR A 908 -14.98 -1.56 41.76
CA TYR A 908 -14.41 -1.29 43.07
C TYR A 908 -14.28 -2.57 43.87
N LYS A 909 -13.25 -2.64 44.70
CA LYS A 909 -13.21 -3.64 45.75
C LYS A 909 -14.22 -3.28 46.84
N TYR A 910 -14.49 -4.23 47.73
CA TYR A 910 -15.46 -4.03 48.79
C TYR A 910 -14.89 -4.49 50.11
N ASP A 911 -15.38 -3.90 51.19
CA ASP A 911 -15.02 -4.24 52.58
C ASP A 911 -15.93 -5.29 53.12
N LYS A 912 -15.48 -5.96 54.17
CA LYS A 912 -16.21 -7.12 54.66
C LYS A 912 -17.65 -6.80 55.09
N ALA A 913 -18.00 -5.52 55.22
CA ALA A 913 -19.38 -5.12 55.46
C ALA A 913 -20.13 -4.88 54.16
N GLY A 914 -19.46 -5.00 53.02
CA GLY A 914 -20.12 -4.95 51.72
C GLY A 914 -20.29 -3.56 51.13
N ASN A 915 -19.27 -2.74 51.26
CA ASN A 915 -19.22 -1.37 50.82
C ASN A 915 -18.20 -1.09 49.75
N ARG A 916 -18.44 -0.04 48.98
CA ARG A 916 -17.49 0.36 47.96
C ARG A 916 -16.24 1.00 48.54
N THR A 917 -15.10 0.63 47.97
CA THR A 917 -13.77 1.05 48.41
C THR A 917 -12.97 1.34 47.16
N GLN A 918 -11.64 1.29 47.28
CA GLN A 918 -10.72 1.57 46.17
C GLN A 918 -11.23 1.05 44.82
N GLN A 919 -11.07 1.88 43.80
CA GLN A 919 -11.40 1.52 42.42
C GLN A 919 -10.29 0.68 41.82
N VAL A 920 -10.67 -0.24 40.93
CA VAL A 920 -9.73 -1.09 40.22
C VAL A 920 -9.77 -0.75 38.74
N LYS A 921 -8.60 -0.57 38.14
CA LYS A 921 -8.47 -0.33 36.71
C LYS A 921 -7.62 -1.36 36.00
N ALA A 922 -6.67 -1.99 36.69
CA ALA A 922 -5.81 -2.99 36.08
C ALA A 922 -5.31 -3.94 37.16
N VAL A 923 -5.47 -5.23 36.93
CA VAL A 923 -5.04 -6.25 37.88
C VAL A 923 -3.88 -7.04 37.27
N ARG A 924 -3.06 -7.62 38.13
CA ARG A 924 -1.89 -8.35 37.69
C ARG A 924 -2.26 -9.79 37.34
N VAL A 925 -1.75 -10.26 36.20
CA VAL A 925 -2.06 -11.59 35.67
C VAL A 925 -0.75 -12.32 35.40
N GLU A 926 -0.64 -13.53 35.90
CA GLU A 926 0.54 -14.35 35.65
C GLU A 926 0.41 -15.02 34.29
N GLN A 927 1.52 -15.07 33.55
CA GLN A 927 1.54 -15.63 32.21
C GLN A 927 2.60 -16.73 32.15
N VAL A 928 2.68 -17.39 30.99
CA VAL A 928 3.67 -18.44 30.77
C VAL A 928 4.95 -17.81 30.25
N GLN A 929 6.08 -18.22 30.83
CA GLN A 929 7.37 -17.64 30.47
C GLN A 929 8.45 -18.67 30.73
N LYS A 930 8.88 -19.36 29.67
CA LYS A 930 10.02 -20.28 29.73
C LYS A 930 11.30 -19.64 29.22
N THR A 931 11.21 -18.82 28.18
CA THR A 931 12.36 -18.09 27.67
C THR A 931 11.99 -16.62 27.46
N GLY A 932 13.01 -15.83 27.21
CA GLY A 932 12.80 -14.42 26.92
C GLY A 932 14.12 -13.71 26.77
N VAL A 933 14.05 -12.40 26.65
CA VAL A 933 15.22 -11.53 26.58
C VAL A 933 15.22 -10.67 27.83
N TRP A 934 16.40 -10.45 28.39
CA TRP A 934 16.59 -9.58 29.54
C TRP A 934 16.56 -8.14 29.07
N VAL A 935 15.56 -7.38 29.52
CA VAL A 935 15.34 -6.01 29.07
C VAL A 935 15.18 -5.11 30.28
N ARG A 936 15.31 -3.80 30.03
CA ARG A 936 15.10 -2.77 31.04
C ARG A 936 16.04 -2.96 32.23
N ASN A 937 17.33 -3.10 31.91
CA ASN A 937 18.38 -3.25 32.93
C ASN A 937 18.12 -4.47 33.81
N HIS A 938 17.82 -5.60 33.17
CA HIS A 938 17.69 -6.89 33.85
C HIS A 938 16.60 -6.88 34.91
N ASN A 939 15.60 -6.03 34.75
CA ASN A 939 14.41 -6.06 35.59
C ASN A 939 13.15 -6.42 34.82
N GLY A 940 13.26 -6.67 33.53
CA GLY A 940 12.13 -7.10 32.74
C GLY A 940 12.49 -8.26 31.85
N ILE A 941 11.48 -9.10 31.58
CA ILE A 941 11.60 -10.20 30.63
C ILE A 941 10.69 -9.90 29.45
N ALA A 942 11.19 -10.13 28.24
CA ALA A 942 10.38 -9.99 27.05
C ALA A 942 10.33 -11.33 26.33
N ASP A 943 9.29 -11.52 25.52
CA ASP A 943 9.22 -12.73 24.71
C ASP A 943 10.25 -12.66 23.58
N ASN A 944 10.84 -13.81 23.27
CA ASN A 944 11.83 -13.89 22.20
C ASN A 944 11.22 -13.45 20.88
N ALA A 945 12.07 -12.97 19.97
CA ALA A 945 11.66 -12.60 18.63
C ALA A 945 11.81 -13.82 17.71
N THR A 946 11.74 -13.60 16.41
CA THR A 946 11.89 -14.68 15.45
C THR A 946 13.36 -15.01 15.23
N MET A 947 13.66 -16.30 15.12
CA MET A 947 15.04 -16.74 14.90
C MET A 947 15.52 -16.27 13.54
N VAL A 948 16.64 -15.54 13.54
CA VAL A 948 17.24 -15.16 12.26
C VAL A 948 18.18 -16.22 11.71
N ARG A 949 18.58 -17.21 12.51
CA ARG A 949 19.43 -18.25 11.96
C ARG A 949 19.25 -19.55 12.73
N VAL A 950 19.57 -20.66 12.06
CA VAL A 950 19.61 -21.99 12.69
C VAL A 950 20.90 -22.66 12.23
N ASP A 951 21.82 -22.91 13.16
CA ASP A 951 23.04 -23.65 12.84
C ASP A 951 22.78 -25.13 13.02
N VAL A 952 23.16 -25.93 12.02
CA VAL A 952 22.86 -27.36 12.02
C VAL A 952 24.16 -28.14 12.18
N PHE A 953 24.18 -29.06 13.14
CA PHE A 953 25.32 -29.91 13.42
C PHE A 953 24.90 -31.38 13.28
N GLU A 954 25.90 -32.25 13.14
CA GLU A 954 25.67 -33.69 12.97
C GLU A 954 26.59 -34.46 13.91
N LYS A 955 26.02 -35.44 14.61
CA LYS A 955 26.82 -36.36 15.43
C LYS A 955 26.04 -37.65 15.59
N GLY A 956 26.66 -38.77 15.20
CA GLY A 956 25.98 -40.05 15.28
C GLY A 956 24.85 -40.19 14.29
N ASP A 957 24.97 -39.57 13.11
CA ASP A 957 23.95 -39.59 12.07
C ASP A 957 22.61 -39.04 12.56
N LYS A 958 22.63 -38.29 13.67
CA LYS A 958 21.52 -37.46 14.10
C LYS A 958 21.91 -36.01 13.92
N TYR A 959 20.90 -35.13 13.87
CA TYR A 959 21.12 -33.71 13.62
C TYR A 959 20.70 -32.89 14.83
N TYR A 960 21.34 -31.73 14.98
CA TYR A 960 21.15 -30.85 16.13
C TYR A 960 21.03 -29.42 15.65
N LEU A 961 19.97 -28.73 16.08
CA LEU A 961 19.66 -27.38 15.62
C LEU A 961 19.91 -26.38 16.73
N VAL A 962 20.89 -25.50 16.53
CA VAL A 962 21.17 -24.40 17.44
C VAL A 962 20.41 -23.17 16.94
N PRO A 963 19.47 -22.62 17.71
CA PRO A 963 18.78 -21.41 17.26
C PRO A 963 19.59 -20.15 17.56
N ILE A 964 19.53 -19.19 16.65
CA ILE A 964 20.25 -17.93 16.77
C ILE A 964 19.24 -16.80 16.58
N TYR A 965 18.98 -16.07 17.66
CA TYR A 965 18.10 -14.91 17.69
C TYR A 965 18.92 -13.63 17.50
N SER A 966 18.21 -12.54 17.19
CA SER A 966 18.91 -11.31 16.81
C SER A 966 19.55 -10.62 18.01
N TRP A 967 19.00 -10.79 19.21
CA TRP A 967 19.65 -10.20 20.38
C TRP A 967 20.99 -10.87 20.66
N GLN A 968 21.08 -12.17 20.43
CA GLN A 968 22.37 -12.86 20.54
C GLN A 968 23.34 -12.33 19.49
N VAL A 969 22.85 -12.01 18.30
CA VAL A 969 23.71 -11.42 17.28
C VAL A 969 24.21 -10.05 17.72
N ALA A 970 23.32 -9.26 18.34
CA ALA A 970 23.71 -7.94 18.82
C ALA A 970 24.80 -8.04 19.88
N LYS A 971 24.58 -8.88 20.89
CA LYS A 971 25.59 -9.04 21.95
C LYS A 971 26.83 -9.77 21.47
N GLY A 972 26.74 -10.47 20.35
CA GLY A 972 27.90 -11.14 19.79
C GLY A 972 28.15 -12.54 20.30
N ILE A 973 27.14 -13.21 20.83
CA ILE A 973 27.29 -14.54 21.41
C ILE A 973 26.78 -15.59 20.42
N LEU A 974 27.67 -16.48 20.01
CA LEU A 974 27.40 -17.61 19.15
C LEU A 974 26.85 -18.74 20.02
N PRO A 975 25.55 -19.02 19.96
CA PRO A 975 24.92 -19.86 20.98
C PRO A 975 25.54 -21.25 21.08
N ASP A 976 25.67 -21.73 22.32
CA ASP A 976 26.31 -23.00 22.62
C ASP A 976 25.42 -24.19 22.28
N ARG A 977 24.14 -24.12 22.65
CA ARG A 977 23.30 -25.30 22.78
C ARG A 977 22.39 -25.51 21.57
N ALA A 978 21.99 -26.77 21.39
CA ALA A 978 21.05 -27.17 20.36
C ALA A 978 19.74 -27.62 20.98
N VAL A 979 18.63 -27.34 20.30
CA VAL A 979 17.30 -27.59 20.87
C VAL A 979 17.13 -29.05 21.23
N VAL A 980 16.51 -29.30 22.38
CA VAL A 980 16.14 -30.64 22.82
C VAL A 980 14.65 -30.62 23.13
N GLN A 981 13.90 -31.42 22.42
CA GLN A 981 12.47 -31.43 22.55
C GLN A 981 12.17 -31.66 23.97
N GLY A 982 11.20 -30.95 24.50
CA GLY A 982 10.80 -31.12 25.86
C GLY A 982 11.63 -30.49 26.93
N LYS A 983 12.90 -30.76 26.98
CA LYS A 983 13.69 -30.17 28.01
C LYS A 983 13.74 -28.67 27.83
N ASP A 984 13.63 -27.89 28.90
CA ASP A 984 13.70 -26.47 28.64
C ASP A 984 15.15 -26.06 28.34
N GLU A 985 15.98 -24.80 27.89
CA GLU A 985 17.27 -24.46 27.31
C GLU A 985 18.44 -24.83 28.21
N GLU A 986 18.25 -24.79 29.53
CA GLU A 986 19.33 -25.13 30.44
C GLU A 986 19.81 -26.57 30.24
N ASP A 987 18.89 -27.47 29.90
CA ASP A 987 19.22 -28.87 29.65
C ASP A 987 19.23 -29.20 28.16
N TRP A 988 19.61 -28.23 27.32
CA TRP A 988 19.79 -28.49 25.91
C TRP A 988 21.17 -29.08 25.65
N GLN A 989 21.32 -29.73 24.50
CA GLN A 989 22.56 -30.39 24.15
C GLN A 989 23.65 -29.36 23.86
N LEU A 990 24.69 -29.32 24.70
CA LEU A 990 25.80 -28.42 24.46
C LEU A 990 26.62 -28.91 23.27
N ILE A 991 26.80 -28.05 22.28
CA ILE A 991 27.58 -28.36 21.09
C ILE A 991 29.04 -28.05 21.36
N ASP A 992 29.93 -28.97 20.97
CA ASP A 992 31.36 -28.80 21.14
C ASP A 992 32.05 -29.35 19.90
N ASP A 993 33.37 -29.54 19.99
CA ASP A 993 34.13 -30.08 18.86
C ASP A 993 33.74 -31.51 18.51
N SER A 994 32.99 -32.19 19.37
CA SER A 994 32.51 -33.54 19.09
C SER A 994 31.38 -33.57 18.08
N PHE A 995 30.89 -32.41 17.64
CA PHE A 995 29.83 -32.31 16.63
C PHE A 995 30.42 -31.75 15.34
N ASN A 996 29.84 -32.16 14.22
CA ASN A 996 30.25 -31.69 12.91
C ASN A 996 29.20 -30.71 12.36
N PHE A 997 29.60 -29.46 12.21
CA PHE A 997 28.71 -28.43 11.67
C PHE A 997 28.48 -28.67 10.19
N LYS A 998 27.26 -28.41 9.74
CA LYS A 998 26.92 -28.63 8.34
C LYS A 998 26.51 -27.36 7.61
N PHE A 999 25.54 -26.60 8.13
CA PHE A 999 25.12 -25.40 7.40
C PHE A 999 24.31 -24.51 8.32
N SER A 1000 24.24 -23.23 7.94
CA SER A 1000 23.34 -22.28 8.56
C SER A 1000 22.06 -22.16 7.72
N LEU A 1001 20.94 -22.10 8.40
CA LEU A 1001 19.62 -21.97 7.78
C LEU A 1001 19.07 -20.59 8.09
N HIS A 1002 18.87 -19.80 7.06
CA HIS A 1002 18.11 -18.57 7.13
C HIS A 1002 16.69 -18.82 6.63
N PRO A 1003 15.73 -18.00 7.05
CA PRO A 1003 14.35 -18.18 6.55
C PRO A 1003 14.30 -18.18 5.03
N ASN A 1004 13.58 -19.16 4.49
CA ASN A 1004 13.35 -19.36 3.05
C ASN A 1004 14.58 -19.89 2.32
N ASP A 1005 15.48 -20.57 3.02
CA ASP A 1005 16.53 -21.33 2.36
C ASP A 1005 15.99 -22.67 1.88
N LEU A 1006 16.46 -23.12 0.72
CA LEU A 1006 16.02 -24.38 0.17
C LEU A 1006 16.69 -25.55 0.90
N VAL A 1007 15.89 -26.51 1.36
CA VAL A 1007 16.38 -27.63 2.14
C VAL A 1007 15.72 -28.92 1.67
N GLU A 1008 16.47 -30.02 1.84
CA GLU A 1008 16.02 -31.37 1.55
C GLU A 1008 16.14 -32.20 2.81
N VAL A 1009 15.09 -32.96 3.12
CA VAL A 1009 15.02 -33.83 4.28
C VAL A 1009 14.58 -35.20 3.79
N ILE A 1010 15.47 -36.18 3.86
CA ILE A 1010 15.15 -37.57 3.57
C ILE A 1010 14.95 -38.27 4.90
N THR A 1011 13.69 -38.56 5.22
CA THR A 1011 13.32 -39.39 6.35
C THR A 1011 12.97 -40.78 5.86
N LYS A 1012 12.74 -41.69 6.80
CA LYS A 1012 12.42 -43.07 6.44
C LYS A 1012 11.17 -43.15 5.58
N LYS A 1013 10.15 -42.34 5.91
CA LYS A 1013 8.84 -42.49 5.30
C LYS A 1013 8.64 -41.68 4.02
N ALA A 1014 9.41 -40.61 3.81
CA ALA A 1014 9.24 -39.78 2.63
C ALA A 1014 10.44 -38.87 2.45
N ARG A 1015 10.50 -38.24 1.28
CA ARG A 1015 11.46 -37.19 0.98
C ARG A 1015 10.71 -35.87 0.87
N MET A 1016 11.26 -34.82 1.49
CA MET A 1016 10.62 -33.51 1.51
C MET A 1016 11.62 -32.46 1.05
N PHE A 1017 11.19 -31.62 0.11
CA PHE A 1017 12.07 -30.63 -0.52
C PHE A 1017 11.32 -29.32 -0.58
N GLY A 1018 11.89 -28.28 0.02
CA GLY A 1018 11.19 -27.00 0.02
C GLY A 1018 11.96 -25.94 0.79
N TYR A 1019 11.32 -24.79 0.94
CA TYR A 1019 11.96 -23.63 1.56
C TYR A 1019 11.72 -23.64 3.06
N PHE A 1020 12.80 -23.61 3.84
CA PHE A 1020 12.72 -23.56 5.29
C PHE A 1020 11.89 -22.35 5.73
N ALA A 1021 10.86 -22.60 6.55
CA ALA A 1021 9.95 -21.55 6.98
C ALA A 1021 10.08 -21.25 8.46
N SER A 1022 9.94 -22.26 9.32
CA SER A 1022 10.01 -22.06 10.77
C SER A 1022 10.76 -23.23 11.38
N CYS A 1023 11.28 -23.00 12.58
CA CYS A 1023 11.90 -24.05 13.39
C CYS A 1023 11.33 -23.93 14.81
N HIS A 1024 10.31 -24.74 15.11
CA HIS A 1024 9.73 -24.74 16.44
C HIS A 1024 10.79 -25.10 17.48
N ARG A 1025 10.79 -24.36 18.59
CA ARG A 1025 11.84 -24.50 19.60
C ARG A 1025 11.42 -25.36 20.79
N GLY A 1026 10.17 -25.79 20.85
CA GLY A 1026 9.76 -26.78 21.82
C GLY A 1026 9.89 -28.20 21.35
N THR A 1027 10.08 -28.39 20.04
CA THR A 1027 10.20 -29.71 19.45
C THR A 1027 11.46 -29.90 18.60
N GLY A 1028 12.13 -28.83 18.19
CA GLY A 1028 13.24 -28.95 17.26
C GLY A 1028 12.83 -29.31 15.85
N ASN A 1029 11.54 -29.40 15.56
CA ASN A 1029 11.07 -29.70 14.21
C ASN A 1029 11.04 -28.42 13.38
N ILE A 1030 10.94 -28.61 12.06
CA ILE A 1030 10.94 -27.49 11.14
C ILE A 1030 9.74 -27.59 10.22
N ASN A 1031 9.27 -26.43 9.76
CA ASN A 1031 8.28 -26.35 8.69
C ASN A 1031 8.98 -25.94 7.41
N ILE A 1032 8.48 -26.42 6.28
CA ILE A 1032 8.97 -25.99 4.97
C ILE A 1032 7.78 -25.70 4.07
N ARG A 1033 7.90 -24.61 3.31
CA ARG A 1033 6.95 -24.27 2.26
C ARG A 1033 7.28 -25.09 1.02
N ILE A 1034 6.29 -25.83 0.51
CA ILE A 1034 6.41 -26.41 -0.81
C ILE A 1034 6.59 -25.29 -1.82
N HIS A 1035 7.41 -25.54 -2.84
CA HIS A 1035 7.89 -24.46 -3.70
C HIS A 1035 6.74 -23.69 -4.35
N ASP A 1036 5.72 -24.39 -4.85
CA ASP A 1036 4.60 -23.74 -5.50
C ASP A 1036 3.43 -23.50 -4.56
N LEU A 1037 3.59 -23.82 -3.27
CA LEU A 1037 2.56 -23.58 -2.25
C LEU A 1037 1.24 -24.25 -2.63
N ASP A 1038 1.32 -25.43 -3.25
CA ASP A 1038 0.12 -26.15 -3.65
C ASP A 1038 -0.75 -26.45 -2.45
N HIS A 1039 -2.05 -26.13 -2.56
CA HIS A 1039 -2.96 -26.31 -1.45
C HIS A 1039 -3.13 -27.78 -1.07
N LYS A 1040 -2.84 -28.71 -1.98
CA LYS A 1040 -3.05 -30.12 -1.72
C LYS A 1040 -2.07 -30.68 -0.70
N ILE A 1041 -0.93 -30.01 -0.48
CA ILE A 1041 0.14 -30.54 0.34
C ILE A 1041 0.18 -29.77 1.65
N GLY A 1042 0.37 -30.49 2.76
CA GLY A 1042 0.48 -29.93 4.09
C GLY A 1042 -0.72 -29.06 4.45
N LYS A 1043 -0.45 -28.03 5.24
CA LYS A 1043 -1.46 -27.04 5.61
C LYS A 1043 -1.22 -25.80 4.76
N ASN A 1044 -1.95 -25.70 3.65
CA ASN A 1044 -1.83 -24.59 2.70
C ASN A 1044 -0.42 -24.53 2.12
N GLY A 1045 0.10 -25.69 1.73
CA GLY A 1045 1.40 -25.77 1.10
C GLY A 1045 2.58 -25.84 2.05
N ILE A 1046 2.34 -26.04 3.35
CA ILE A 1046 3.40 -26.04 4.35
C ILE A 1046 3.41 -27.38 5.06
N LEU A 1047 4.53 -28.09 4.95
CA LEU A 1047 4.77 -29.29 5.75
C LEU A 1047 5.09 -28.86 7.18
N GLU A 1048 4.29 -29.31 8.14
CA GLU A 1048 4.39 -28.86 9.52
C GLU A 1048 5.04 -29.91 10.40
N GLY A 1049 5.97 -29.49 11.24
CA GLY A 1049 6.55 -30.37 12.24
C GLY A 1049 7.43 -31.47 11.69
N ILE A 1050 8.23 -31.18 10.67
CA ILE A 1050 9.12 -32.18 10.11
C ILE A 1050 10.23 -32.47 11.11
N GLY A 1051 10.32 -33.72 11.55
CA GLY A 1051 11.36 -34.12 12.47
C GLY A 1051 12.67 -34.40 11.76
N VAL A 1052 13.71 -33.66 12.12
CA VAL A 1052 15.03 -33.81 11.49
C VAL A 1052 16.08 -34.35 12.43
N LYS A 1053 15.73 -34.60 13.70
CA LYS A 1053 16.70 -35.17 14.63
C LYS A 1053 17.16 -36.55 14.17
N THR A 1054 16.24 -37.34 13.62
CA THR A 1054 16.53 -38.70 13.17
C THR A 1054 16.40 -38.86 11.67
N ALA A 1055 16.46 -37.77 10.91
CA ALA A 1055 16.39 -37.88 9.46
C ALA A 1055 17.61 -38.62 8.91
N LEU A 1056 17.38 -39.36 7.83
CA LEU A 1056 18.49 -40.00 7.12
C LEU A 1056 19.40 -38.96 6.48
N SER A 1057 18.82 -38.08 5.66
CA SER A 1057 19.56 -36.97 5.10
C SER A 1057 18.91 -35.66 5.50
N PHE A 1058 19.70 -34.62 5.64
CA PHE A 1058 19.21 -33.29 5.90
C PHE A 1058 20.20 -32.31 5.38
N GLN A 1059 19.96 -31.70 4.25
CA GLN A 1059 20.84 -30.65 3.78
C GLN A 1059 20.25 -29.47 3.10
N LYS A 1060 21.07 -28.48 2.82
CA LYS A 1060 20.64 -27.24 2.24
C LYS A 1060 21.01 -27.12 0.81
N TYR A 1061 20.21 -26.38 0.04
CA TYR A 1061 20.39 -26.25 -1.41
C TYR A 1061 20.50 -24.79 -1.83
N GLN A 1062 21.11 -24.60 -3.00
CA GLN A 1062 21.16 -23.32 -3.68
C GLN A 1062 20.15 -23.31 -4.82
N ILE A 1063 19.54 -22.15 -5.07
CA ILE A 1063 18.59 -22.05 -6.17
C ILE A 1063 18.67 -20.67 -6.82
N ASP A 1064 18.34 -20.63 -8.11
CA ASP A 1064 18.46 -19.48 -8.98
C ASP A 1064 17.30 -18.51 -8.78
N GLU A 1065 17.42 -17.33 -9.38
CA GLU A 1065 16.27 -16.44 -9.51
C GLU A 1065 15.29 -16.96 -10.55
N LEU A 1066 15.73 -17.83 -11.46
CA LEU A 1066 14.88 -18.40 -12.48
C LEU A 1066 14.48 -19.84 -12.18
N GLY A 1067 14.70 -20.31 -10.95
CA GLY A 1067 14.34 -21.67 -10.61
C GLY A 1067 15.24 -22.73 -11.19
N LYS A 1068 16.45 -22.36 -11.60
CA LYS A 1068 17.44 -23.29 -12.15
C LYS A 1068 18.55 -23.52 -11.14
N GLU A 1069 19.55 -24.30 -11.56
CA GLU A 1069 20.80 -24.46 -10.82
C GLU A 1069 20.56 -24.95 -9.39
N ILE A 1070 19.66 -25.92 -9.25
CA ILE A 1070 19.37 -26.49 -7.93
C ILE A 1070 20.47 -27.48 -7.58
N ARG A 1071 21.23 -27.17 -6.53
CA ARG A 1071 22.40 -27.96 -6.17
C ARG A 1071 22.62 -27.89 -4.67
N PRO A 1072 23.17 -28.93 -4.07
CA PRO A 1072 23.54 -28.85 -2.66
C PRO A 1072 24.77 -27.96 -2.47
N CYS A 1073 24.75 -27.16 -1.41
CA CYS A 1073 25.86 -26.29 -1.06
C CYS A 1073 26.43 -26.70 0.28
N ARG A 1074 27.76 -26.70 0.38
CA ARG A 1074 28.46 -27.15 1.58
C ARG A 1074 29.25 -25.99 2.17
N LEU A 1075 29.02 -25.70 3.45
CA LEU A 1075 29.68 -24.60 4.13
C LEU A 1075 30.92 -25.09 4.85
N LYS A 1076 32.04 -24.40 4.63
CA LYS A 1076 33.31 -24.82 5.22
C LYS A 1076 33.31 -24.61 6.73
N LYS A 1077 33.12 -23.38 7.17
CA LYS A 1077 33.17 -23.05 8.58
C LYS A 1077 31.85 -22.43 9.03
N ARG A 1078 31.52 -22.65 10.30
CA ARG A 1078 30.36 -22.03 10.92
C ARG A 1078 30.52 -20.51 10.87
N PRO A 1079 29.57 -19.77 10.29
CA PRO A 1079 29.73 -18.33 10.19
C PRO A 1079 29.52 -17.68 11.56
N PRO A 1080 30.23 -16.60 11.84
CA PRO A 1080 30.04 -15.89 13.12
C PRO A 1080 28.73 -15.09 13.11
N VAL A 1081 28.48 -14.41 14.23
CA VAL A 1081 27.34 -13.50 14.33
C VAL A 1081 27.76 -12.06 14.06
N ARG A 1082 28.95 -11.67 14.50
CA ARG A 1082 29.50 -10.35 14.25
C ARG A 1082 30.74 -10.45 13.36
N SER A 1083 31.11 -9.31 12.79
CA SER A 1083 32.28 -9.26 11.93
C SER A 1083 33.57 -9.40 12.74
#